data_6H5R
# 
_entry.id   6H5R 
# 
_audit_conform.dict_name       mmcif_pdbx.dic 
_audit_conform.dict_version    5.383 
_audit_conform.dict_location   http://mmcif.pdb.org/dictionaries/ascii/mmcif_pdbx.dic 
# 
loop_
_database_2.database_id 
_database_2.database_code 
_database_2.pdbx_database_accession 
_database_2.pdbx_DOI 
PDB   6H5R         pdb_00006h5r 10.2210/pdb6h5r/pdb 
WWPDB D_1200011084 ?            ?                   
# 
loop_
_pdbx_audit_revision_history.ordinal 
_pdbx_audit_revision_history.data_content_type 
_pdbx_audit_revision_history.major_revision 
_pdbx_audit_revision_history.minor_revision 
_pdbx_audit_revision_history.revision_date 
1 'Structure model' 1 0 2019-01-30 
2 'Structure model' 1 1 2024-01-17 
# 
_pdbx_audit_revision_details.ordinal             1 
_pdbx_audit_revision_details.revision_ordinal    1 
_pdbx_audit_revision_details.data_content_type   'Structure model' 
_pdbx_audit_revision_details.provider            repository 
_pdbx_audit_revision_details.type                'Initial release' 
_pdbx_audit_revision_details.description         ? 
_pdbx_audit_revision_details.details             ? 
# 
loop_
_pdbx_audit_revision_group.ordinal 
_pdbx_audit_revision_group.revision_ordinal 
_pdbx_audit_revision_group.data_content_type 
_pdbx_audit_revision_group.group 
1 2 'Structure model' Advisory                 
2 2 'Structure model' 'Data collection'        
3 2 'Structure model' 'Database references'    
4 2 'Structure model' 'Derived calculations'   
5 2 'Structure model' 'Refinement description' 
# 
loop_
_pdbx_audit_revision_category.ordinal 
_pdbx_audit_revision_category.revision_ordinal 
_pdbx_audit_revision_category.data_content_type 
_pdbx_audit_revision_category.category 
1 2 'Structure model' chem_comp_atom                
2 2 'Structure model' chem_comp_bond                
3 2 'Structure model' database_2                    
4 2 'Structure model' pdbx_initial_refinement_model 
5 2 'Structure model' pdbx_struct_conn_angle        
6 2 'Structure model' pdbx_unobs_or_zero_occ_atoms  
7 2 'Structure model' struct_conn                   
# 
loop_
_pdbx_audit_revision_item.ordinal 
_pdbx_audit_revision_item.revision_ordinal 
_pdbx_audit_revision_item.data_content_type 
_pdbx_audit_revision_item.item 
1  2 'Structure model' '_database_2.pdbx_DOI'                        
2  2 'Structure model' '_database_2.pdbx_database_accession'         
3  2 'Structure model' '_pdbx_struct_conn_angle.ptnr1_auth_seq_id'   
4  2 'Structure model' '_pdbx_struct_conn_angle.ptnr1_label_seq_id'  
5  2 'Structure model' '_pdbx_struct_conn_angle.ptnr2_auth_comp_id'  
6  2 'Structure model' '_pdbx_struct_conn_angle.ptnr2_auth_seq_id'   
7  2 'Structure model' '_pdbx_struct_conn_angle.ptnr2_label_asym_id' 
8  2 'Structure model' '_pdbx_struct_conn_angle.ptnr2_label_atom_id' 
9  2 'Structure model' '_pdbx_struct_conn_angle.ptnr2_label_comp_id' 
10 2 'Structure model' '_pdbx_struct_conn_angle.ptnr2_symmetry'      
11 2 'Structure model' '_pdbx_struct_conn_angle.ptnr3_auth_seq_id'   
12 2 'Structure model' '_pdbx_struct_conn_angle.ptnr3_label_seq_id'  
13 2 'Structure model' '_pdbx_struct_conn_angle.value'               
14 2 'Structure model' '_struct_conn.pdbx_dist_value'                
15 2 'Structure model' '_struct_conn.ptnr1_auth_seq_id'              
16 2 'Structure model' '_struct_conn.ptnr1_label_seq_id'             
17 2 'Structure model' '_struct_conn.ptnr2_auth_comp_id'             
18 2 'Structure model' '_struct_conn.ptnr2_auth_seq_id'              
19 2 'Structure model' '_struct_conn.ptnr2_label_asym_id'            
20 2 'Structure model' '_struct_conn.ptnr2_label_atom_id'            
21 2 'Structure model' '_struct_conn.ptnr2_label_comp_id'            
22 2 'Structure model' '_struct_conn.ptnr2_symmetry'                 
# 
_pdbx_database_status.status_code                     REL 
_pdbx_database_status.status_code_sf                  REL 
_pdbx_database_status.status_code_mr                  ? 
_pdbx_database_status.entry_id                        6H5R 
_pdbx_database_status.recvd_initial_deposition_date   2018-07-25 
_pdbx_database_status.SG_entry                        N 
_pdbx_database_status.deposit_site                    PDBE 
_pdbx_database_status.process_site                    PDBE 
_pdbx_database_status.status_code_cs                  ? 
_pdbx_database_status.methods_development_category    ? 
_pdbx_database_status.pdb_format_compatible           Y 
_pdbx_database_status.status_code_nmr_data            ? 
# 
loop_
_audit_author.name 
_audit_author.pdbx_ordinal 
_audit_author.identifier_ORCID 
'Bazzicalupi, C.' 1 0000-0003-4602-0405 
'Gratteri, P.'    2 0000-0002-9137-2509 
'Papi, F.'        3 ?                   
# 
_citation.abstract                  ? 
_citation.abstract_id_CAS           ? 
_citation.book_id_ISBN              ? 
_citation.book_publisher            ? 
_citation.book_publisher_city       ? 
_citation.book_title                ? 
_citation.coordinate_linkage        ? 
_citation.country                   UK 
_citation.database_id_Medline       ? 
_citation.details                   ? 
_citation.id                        primary 
_citation.journal_abbrev            'Dalton Trans' 
_citation.journal_id_ASTM           ? 
_citation.journal_id_CSD            ? 
_citation.journal_id_ISSN           1477-9234 
_citation.journal_full              ? 
_citation.journal_issue             ? 
_citation.journal_volume            47 
_citation.language                  ? 
_citation.page_first                16132 
_citation.page_last                 16138 
_citation.title                     
;Interaction of a gold(i) dicarbene anticancer drug with human telomeric DNA G-quadruplex: solution and computationally aided X-ray diffraction analysis.
;
_citation.year                      2018 
_citation.database_id_CSD           ? 
_citation.pdbx_database_id_DOI      10.1039/c8dt03607a 
_citation.pdbx_database_id_PubMed   30378627 
_citation.unpublished_flag          ? 
# 
loop_
_citation_author.citation_id 
_citation_author.name 
_citation_author.ordinal 
_citation_author.identifier_ORCID 
primary 'Guarra, F.'      1  ? 
primary 'Marzo, T.'       2  ? 
primary 'Ferraroni, M.'   3  ? 
primary 'Papi, F.'        4  ? 
primary 'Bazzicalupi, C.' 5  ? 
primary 'Gratteri, P.'    6  ? 
primary 'Pescitelli, G.'  7  ? 
primary 'Messori, L.'     8  ? 
primary 'Biver, T.'       9  ? 
primary 'Gabbiani, C.'    10 ? 
# 
loop_
_entity.id 
_entity.type 
_entity.src_method 
_entity.pdbx_description 
_entity.formula_weight 
_entity.pdbx_number_of_molecules 
_entity.pdbx_ec 
_entity.pdbx_mutation 
_entity.pdbx_fragment 
_entity.details 
1 polymer     syn 'Human Telomeric DNA'                           7591.883 1  ? ? ? ? 
2 non-polymer syn 'POTASSIUM ION'                                 39.098   2  ? ? ? ? 
3 non-polymer syn 'STRONTIUM ION'                                 87.620   1  ? ? ? ? 
4 non-polymer syn 'bis(1-butyl-3-methyl-imidazol-3-ium-2-yl)gold' 473.387  4  ? ? ? ? 
5 water       nat water                                           18.015   39 ? ? ? ? 
# 
_entity_poly.entity_id                      1 
_entity_poly.type                           polydeoxyribonucleotide 
_entity_poly.nstd_linkage                   no 
_entity_poly.nstd_monomer                   no 
_entity_poly.pdbx_seq_one_letter_code       
;(DT)(DA)(DG)(DG)(DG)(DT)(DT)(DA)(DG)(DG)(DG)(DT)(DT)(DA)(DG)(DG)(DG)(DT)(DT)(DA)
(DG)(DG)(DG)(DT)
;
_entity_poly.pdbx_seq_one_letter_code_can   TAGGGTTAGGGTTAGGGTTAGGGT 
_entity_poly.pdbx_strand_id                 A 
_entity_poly.pdbx_target_identifier         ? 
# 
loop_
_pdbx_entity_nonpoly.entity_id 
_pdbx_entity_nonpoly.name 
_pdbx_entity_nonpoly.comp_id 
2 'POTASSIUM ION'                                 K   
3 'STRONTIUM ION'                                 SR  
4 'bis(1-butyl-3-methyl-imidazol-3-ium-2-yl)gold' FTQ 
5 water                                           HOH 
# 
loop_
_entity_poly_seq.entity_id 
_entity_poly_seq.num 
_entity_poly_seq.mon_id 
_entity_poly_seq.hetero 
1 1  DT n 
1 2  DA n 
1 3  DG n 
1 4  DG n 
1 5  DG n 
1 6  DT n 
1 7  DT n 
1 8  DA n 
1 9  DG n 
1 10 DG n 
1 11 DG n 
1 12 DT n 
1 13 DT n 
1 14 DA n 
1 15 DG n 
1 16 DG n 
1 17 DG n 
1 18 DT n 
1 19 DT n 
1 20 DA n 
1 21 DG n 
1 22 DG n 
1 23 DG n 
1 24 DT n 
# 
_pdbx_entity_src_syn.entity_id              1 
_pdbx_entity_src_syn.pdbx_src_id            1 
_pdbx_entity_src_syn.pdbx_alt_source_flag   sample 
_pdbx_entity_src_syn.pdbx_beg_seq_num       1 
_pdbx_entity_src_syn.pdbx_end_seq_num       24 
_pdbx_entity_src_syn.organism_scientific    'Homo sapiens' 
_pdbx_entity_src_syn.organism_common_name   Human 
_pdbx_entity_src_syn.ncbi_taxonomy_id       9606 
_pdbx_entity_src_syn.details                ? 
# 
loop_
_chem_comp.id 
_chem_comp.type 
_chem_comp.mon_nstd_flag 
_chem_comp.name 
_chem_comp.pdbx_synonyms 
_chem_comp.formula 
_chem_comp.formula_weight 
DA  'DNA linking' y "2'-DEOXYADENOSINE-5'-MONOPHOSPHATE"            ? 'C10 H14 N5 O6 P' 331.222 
DG  'DNA linking' y "2'-DEOXYGUANOSINE-5'-MONOPHOSPHATE"            ? 'C10 H14 N5 O7 P' 347.221 
DT  'DNA linking' y "THYMIDINE-5'-MONOPHOSPHATE"                    ? 'C10 H15 N2 O8 P' 322.208 
FTQ non-polymer   . 'bis(1-butyl-3-methyl-imidazol-3-ium-2-yl)gold' ? 'C16 H28 Au N4 2' 473.387 
HOH non-polymer   . WATER                                           ? 'H2 O'            18.015  
K   non-polymer   . 'POTASSIUM ION'                                 ? 'K 1'             39.098  
SR  non-polymer   . 'STRONTIUM ION'                                 ? 'Sr 2'            87.620  
# 
loop_
_pdbx_poly_seq_scheme.asym_id 
_pdbx_poly_seq_scheme.entity_id 
_pdbx_poly_seq_scheme.seq_id 
_pdbx_poly_seq_scheme.mon_id 
_pdbx_poly_seq_scheme.ndb_seq_num 
_pdbx_poly_seq_scheme.pdb_seq_num 
_pdbx_poly_seq_scheme.auth_seq_num 
_pdbx_poly_seq_scheme.pdb_mon_id 
_pdbx_poly_seq_scheme.auth_mon_id 
_pdbx_poly_seq_scheme.pdb_strand_id 
_pdbx_poly_seq_scheme.pdb_ins_code 
_pdbx_poly_seq_scheme.hetero 
A 1 1  DT 1  1  1  DT DT A . n 
A 1 2  DA 2  2  2  DA DA A . n 
A 1 3  DG 3  3  3  DG DG A . n 
A 1 4  DG 4  4  4  DG DG A . n 
A 1 5  DG 5  5  5  DG DG A . n 
A 1 6  DT 6  6  6  DT DT A . n 
A 1 7  DT 7  7  7  DT DT A . n 
A 1 8  DA 8  8  8  DA DA A . n 
A 1 9  DG 9  9  9  DG DG A . n 
A 1 10 DG 10 10 10 DG DG A . n 
A 1 11 DG 11 11 11 DG DG A . n 
A 1 12 DT 12 12 12 DT DT A . n 
A 1 13 DT 13 13 13 DT DT A . n 
A 1 14 DA 14 14 14 DA DA A . n 
A 1 15 DG 15 15 15 DG DG A . n 
A 1 16 DG 16 16 16 DG DG A . n 
A 1 17 DG 17 17 17 DG DG A . n 
A 1 18 DT 18 18 18 DT DT A . n 
A 1 19 DT 19 19 19 DT DT A . n 
A 1 20 DA 20 20 20 DA DA A . n 
A 1 21 DG 21 21 21 DG DG A . n 
A 1 22 DG 22 22 22 DG DG A . n 
A 1 23 DG 23 23 23 DG DG A . n 
A 1 24 DT 24 24 24 DT DT A . n 
# 
loop_
_pdbx_nonpoly_scheme.asym_id 
_pdbx_nonpoly_scheme.entity_id 
_pdbx_nonpoly_scheme.mon_id 
_pdbx_nonpoly_scheme.ndb_seq_num 
_pdbx_nonpoly_scheme.pdb_seq_num 
_pdbx_nonpoly_scheme.auth_seq_num 
_pdbx_nonpoly_scheme.pdb_mon_id 
_pdbx_nonpoly_scheme.auth_mon_id 
_pdbx_nonpoly_scheme.pdb_strand_id 
_pdbx_nonpoly_scheme.pdb_ins_code 
B 2 K   1  101 1  K   K   A . 
C 2 K   1  102 2  K   K   A . 
D 3 SR  1  103 3  SR  SR  A . 
E 4 FTQ 1  104 1  FTQ AUN A . 
F 4 FTQ 1  105 2  FTQ AUN A . 
G 4 FTQ 1  106 3  FTQ AUN A . 
H 4 FTQ 1  107 4  FTQ AUN A . 
I 5 HOH 1  201 24 HOH HOH A . 
I 5 HOH 2  202 4  HOH HOH A . 
I 5 HOH 3  203 41 HOH HOH A . 
I 5 HOH 4  204 19 HOH HOH A . 
I 5 HOH 5  205 38 HOH HOH A . 
I 5 HOH 6  206 22 HOH HOH A . 
I 5 HOH 7  207 2  HOH HOH A . 
I 5 HOH 8  208 11 HOH HOH A . 
I 5 HOH 9  209 12 HOH HOH A . 
I 5 HOH 10 210 23 HOH HOH A . 
I 5 HOH 11 211 20 HOH HOH A . 
I 5 HOH 12 212 18 HOH HOH A . 
I 5 HOH 13 213 14 HOH HOH A . 
I 5 HOH 14 214 21 HOH HOH A . 
I 5 HOH 15 215 26 HOH HOH A . 
I 5 HOH 16 216 33 HOH HOH A . 
I 5 HOH 17 217 30 HOH HOH A . 
I 5 HOH 18 218 1  HOH HOH A . 
I 5 HOH 19 219 31 HOH HOH A . 
I 5 HOH 20 220 3  HOH HOH A . 
I 5 HOH 21 221 15 HOH HOH A . 
I 5 HOH 22 222 16 HOH HOH A . 
I 5 HOH 23 223 5  HOH HOH A . 
I 5 HOH 24 224 42 HOH HOH A . 
I 5 HOH 25 225 13 HOH HOH A . 
I 5 HOH 26 226 29 HOH HOH A . 
I 5 HOH 27 227 34 HOH HOH A . 
I 5 HOH 28 228 44 HOH HOH A . 
I 5 HOH 29 229 37 HOH HOH A . 
I 5 HOH 30 230 17 HOH HOH A . 
I 5 HOH 31 231 28 HOH HOH A . 
I 5 HOH 32 232 8  HOH HOH A . 
I 5 HOH 33 233 25 HOH HOH A . 
I 5 HOH 34 234 10 HOH HOH A . 
I 5 HOH 35 235 35 HOH HOH A . 
I 5 HOH 36 236 9  HOH HOH A . 
I 5 HOH 37 237 43 HOH HOH A . 
I 5 HOH 38 238 36 HOH HOH A . 
I 5 HOH 39 239 7  HOH HOH A . 
# 
loop_
_pdbx_unobs_or_zero_occ_atoms.id 
_pdbx_unobs_or_zero_occ_atoms.PDB_model_num 
_pdbx_unobs_or_zero_occ_atoms.polymer_flag 
_pdbx_unobs_or_zero_occ_atoms.occupancy_flag 
_pdbx_unobs_or_zero_occ_atoms.auth_asym_id 
_pdbx_unobs_or_zero_occ_atoms.auth_comp_id 
_pdbx_unobs_or_zero_occ_atoms.auth_seq_id 
_pdbx_unobs_or_zero_occ_atoms.PDB_ins_code 
_pdbx_unobs_or_zero_occ_atoms.auth_atom_id 
_pdbx_unobs_or_zero_occ_atoms.label_alt_id 
_pdbx_unobs_or_zero_occ_atoms.label_asym_id 
_pdbx_unobs_or_zero_occ_atoms.label_comp_id 
_pdbx_unobs_or_zero_occ_atoms.label_seq_id 
_pdbx_unobs_or_zero_occ_atoms.label_atom_id 
1 1 Y 1 A DT  24  ? "O3'" ? A DT  24 "O3'" 
2 1 N 0 A FTQ 105 ? C16   B F FTQ ?  C16   
3 1 N 0 A FTQ 105 ? C19   B F FTQ ?  C19   
4 1 N 0 A FTQ 105 ? C20   B F FTQ ?  C20   
5 1 N 0 A FTQ 105 ? C12   B F FTQ ?  C12   
6 1 N 0 A FTQ 105 ? C15   B F FTQ ?  C15   
7 1 N 0 A FTQ 105 ? C17   B F FTQ ?  C17   
# 
loop_
_software.citation_id 
_software.classification 
_software.compiler_name 
_software.compiler_version 
_software.contact_author 
_software.contact_author_email 
_software.date 
_software.description 
_software.dependencies 
_software.hardware 
_software.language 
_software.location 
_software.mods 
_software.name 
_software.os 
_software.os_version 
_software.type 
_software.version 
_software.pdbx_ordinal 
? refinement        ? ? ? ? ? ? ? ? ? ? ? REFMAC      ? ? ? .    1 
? 'data reduction'  ? ? ? ? ? ? ? ? ? ? ? XDS         ? ? ? .    2 
? 'data scaling'    ? ? ? ? ? ? ? ? ? ? ? XDS         ? ? ? .    3 
? phasing           ? ? ? ? ? ? ? ? ? ? ? MOLREP      ? ? ? .    4 
? 'data extraction' ? ? ? ? ? ? ? ? ? ? ? PDB_EXTRACT ? ? ? 3.24 5 
# 
_cell.angle_alpha                  90.000 
_cell.angle_alpha_esd              ? 
_cell.angle_beta                   92.420 
_cell.angle_beta_esd               ? 
_cell.angle_gamma                  90.000 
_cell.angle_gamma_esd              ? 
_cell.entry_id                     6H5R 
_cell.details                      ? 
_cell.formula_units_Z              ? 
_cell.length_a                     36.600 
_cell.length_a_esd                 ? 
_cell.length_b                     71.370 
_cell.length_b_esd                 ? 
_cell.length_c                     27.050 
_cell.length_c_esd                 ? 
_cell.volume                       ? 
_cell.volume_esd                   ? 
_cell.Z_PDB                        4 
_cell.reciprocal_angle_alpha       ? 
_cell.reciprocal_angle_beta        ? 
_cell.reciprocal_angle_gamma       ? 
_cell.reciprocal_angle_alpha_esd   ? 
_cell.reciprocal_angle_beta_esd    ? 
_cell.reciprocal_angle_gamma_esd   ? 
_cell.reciprocal_length_a          ? 
_cell.reciprocal_length_b          ? 
_cell.reciprocal_length_c          ? 
_cell.reciprocal_length_a_esd      ? 
_cell.reciprocal_length_b_esd      ? 
_cell.reciprocal_length_c_esd      ? 
_cell.pdbx_unique_axis             ? 
# 
_symmetry.entry_id                         6H5R 
_symmetry.cell_setting                     ? 
_symmetry.Int_Tables_number                5 
_symmetry.space_group_name_Hall            ? 
_symmetry.space_group_name_H-M             'C 1 2 1' 
_symmetry.pdbx_full_space_group_name_H-M   ? 
# 
_exptl.absorpt_coefficient_mu     ? 
_exptl.absorpt_correction_T_max   ? 
_exptl.absorpt_correction_T_min   ? 
_exptl.absorpt_correction_type    ? 
_exptl.absorpt_process_details    ? 
_exptl.entry_id                   6H5R 
_exptl.crystals_number            1 
_exptl.details                    ? 
_exptl.method                     'X-RAY DIFFRACTION' 
_exptl.method_details             ? 
# 
_exptl_crystal.colour                      ? 
_exptl_crystal.density_diffrn              ? 
_exptl_crystal.density_Matthews            2.32 
_exptl_crystal.density_method              ? 
_exptl_crystal.density_percent_sol         47.09 
_exptl_crystal.description                 ? 
_exptl_crystal.F_000                       ? 
_exptl_crystal.id                          1 
_exptl_crystal.preparation                 ? 
_exptl_crystal.size_max                    ? 
_exptl_crystal.size_mid                    ? 
_exptl_crystal.size_min                    ? 
_exptl_crystal.size_rad                    ? 
_exptl_crystal.colour_lustre               ? 
_exptl_crystal.colour_modifier             ? 
_exptl_crystal.colour_primary              ? 
_exptl_crystal.density_meas                ? 
_exptl_crystal.density_meas_esd            ? 
_exptl_crystal.density_meas_gt             ? 
_exptl_crystal.density_meas_lt             ? 
_exptl_crystal.density_meas_temp           ? 
_exptl_crystal.density_meas_temp_esd       ? 
_exptl_crystal.density_meas_temp_gt        ? 
_exptl_crystal.density_meas_temp_lt        ? 
_exptl_crystal.pdbx_crystal_image_url      ? 
_exptl_crystal.pdbx_crystal_image_format   ? 
_exptl_crystal.pdbx_mosaicity              ? 
_exptl_crystal.pdbx_mosaicity_esd          ? 
# 
_exptl_crystal_grow.apparatus       ? 
_exptl_crystal_grow.atmosphere      ? 
_exptl_crystal_grow.crystal_id      1 
_exptl_crystal_grow.details         ? 
_exptl_crystal_grow.method          'VAPOR DIFFUSION' 
_exptl_crystal_grow.method_ref      ? 
_exptl_crystal_grow.pH              6.5 
_exptl_crystal_grow.pressure        ? 
_exptl_crystal_grow.pressure_esd    ? 
_exptl_crystal_grow.seeding         ? 
_exptl_crystal_grow.seeding_ref     ? 
_exptl_crystal_grow.temp            296 
_exptl_crystal_grow.temp_details    ? 
_exptl_crystal_grow.temp_esd        ? 
_exptl_crystal_grow.time            ? 
_exptl_crystal_grow.pdbx_details    'isopropanol, KCacodylate, Li2SO4, MgSO4' 
_exptl_crystal_grow.pdbx_pH_range   ? 
# 
_diffrn.ambient_environment              ? 
_diffrn.ambient_temp                     100 
_diffrn.ambient_temp_details             ? 
_diffrn.ambient_temp_esd                 ? 
_diffrn.crystal_id                       1 
_diffrn.crystal_support                  ? 
_diffrn.crystal_treatment                ? 
_diffrn.details                          ? 
_diffrn.id                               1 
_diffrn.ambient_pressure                 ? 
_diffrn.ambient_pressure_esd             ? 
_diffrn.ambient_pressure_gt              ? 
_diffrn.ambient_pressure_lt              ? 
_diffrn.ambient_temp_gt                  ? 
_diffrn.ambient_temp_lt                  ? 
_diffrn.pdbx_serial_crystal_experiment   ? 
# 
_diffrn_detector.details                      ? 
_diffrn_detector.detector                     PIXEL 
_diffrn_detector.diffrn_id                    1 
_diffrn_detector.type                         'DECTRIS PILATUS3 2M' 
_diffrn_detector.area_resol_mean              ? 
_diffrn_detector.dtime                        ? 
_diffrn_detector.pdbx_frames_total            ? 
_diffrn_detector.pdbx_collection_time_total   ? 
_diffrn_detector.pdbx_collection_date         2016-05-12 
_diffrn_detector.pdbx_frequency               ? 
# 
_diffrn_radiation.collimation                      ? 
_diffrn_radiation.diffrn_id                        1 
_diffrn_radiation.filter_edge                      ? 
_diffrn_radiation.inhomogeneity                    ? 
_diffrn_radiation.monochromator                    ? 
_diffrn_radiation.polarisn_norm                    ? 
_diffrn_radiation.polarisn_ratio                   ? 
_diffrn_radiation.probe                            ? 
_diffrn_radiation.type                             ? 
_diffrn_radiation.xray_symbol                      ? 
_diffrn_radiation.wavelength_id                    1 
_diffrn_radiation.pdbx_monochromatic_or_laue_m_l   M 
_diffrn_radiation.pdbx_wavelength_list             ? 
_diffrn_radiation.pdbx_wavelength                  ? 
_diffrn_radiation.pdbx_diffrn_protocol             'SINGLE WAVELENGTH' 
_diffrn_radiation.pdbx_analyzer                    ? 
_diffrn_radiation.pdbx_scattering_type             x-ray 
# 
_diffrn_radiation_wavelength.id           1 
_diffrn_radiation_wavelength.wavelength   0.872900 
_diffrn_radiation_wavelength.wt           1.0 
# 
_diffrn_source.current                     ? 
_diffrn_source.details                     ? 
_diffrn_source.diffrn_id                   1 
_diffrn_source.power                       ? 
_diffrn_source.size                        ? 
_diffrn_source.source                      SYNCHROTRON 
_diffrn_source.target                      ? 
_diffrn_source.type                        'ESRF BEAMLINE ID23-2' 
_diffrn_source.voltage                     ? 
_diffrn_source.take-off_angle              ? 
_diffrn_source.pdbx_wavelength_list        0.872900 
_diffrn_source.pdbx_wavelength             ? 
_diffrn_source.pdbx_synchrotron_beamline   ID23-2 
_diffrn_source.pdbx_synchrotron_site       ESRF 
# 
_reflns.B_iso_Wilson_estimate            ? 
_reflns.entry_id                         6H5R 
_reflns.data_reduction_details           ? 
_reflns.data_reduction_method            ? 
_reflns.d_resolution_high                2.0 
_reflns.d_resolution_low                 35.690 
_reflns.details                          ? 
_reflns.limit_h_max                      ? 
_reflns.limit_h_min                      ? 
_reflns.limit_k_max                      ? 
_reflns.limit_k_min                      ? 
_reflns.limit_l_max                      ? 
_reflns.limit_l_min                      ? 
_reflns.number_all                       ? 
_reflns.number_obs                       8883 
_reflns.observed_criterion               ? 
_reflns.observed_criterion_F_max         ? 
_reflns.observed_criterion_F_min         ? 
_reflns.observed_criterion_I_max         ? 
_reflns.observed_criterion_I_min         ? 
_reflns.observed_criterion_sigma_F       ? 
_reflns.observed_criterion_sigma_I       ? 
_reflns.percent_possible_obs             97.6 
_reflns.R_free_details                   ? 
_reflns.Rmerge_F_all                     ? 
_reflns.Rmerge_F_obs                     ? 
_reflns.Friedel_coverage                 ? 
_reflns.number_gt                        ? 
_reflns.threshold_expression             ? 
_reflns.pdbx_redundancy                  5.4 
_reflns.pdbx_Rmerge_I_obs                ? 
_reflns.pdbx_Rmerge_I_all                ? 
_reflns.pdbx_Rsym_value                  0.11 
_reflns.pdbx_netI_over_av_sigmaI         ? 
_reflns.pdbx_netI_over_sigmaI            6.04 
_reflns.pdbx_res_netI_over_av_sigmaI_2   ? 
_reflns.pdbx_res_netI_over_sigmaI_2      ? 
_reflns.pdbx_chi_squared                 ? 
_reflns.pdbx_scaling_rejects             ? 
_reflns.pdbx_d_res_high_opt              ? 
_reflns.pdbx_d_res_low_opt               ? 
_reflns.pdbx_d_res_opt_method            ? 
_reflns.phase_calculation_details        ? 
_reflns.pdbx_Rrim_I_all                  0.12 
_reflns.pdbx_Rpim_I_all                  ? 
_reflns.pdbx_d_opt                       ? 
_reflns.pdbx_number_measured_all         ? 
_reflns.pdbx_diffrn_id                   1 
_reflns.pdbx_ordinal                     1 
_reflns.pdbx_CC_half                     0.99 
_reflns.pdbx_R_split                     ? 
# 
_reflns_shell.d_res_high                  1.69 
_reflns_shell.d_res_low                   2.0 
_reflns_shell.meanI_over_sigI_all         ? 
_reflns_shell.meanI_over_sigI_obs         ? 
_reflns_shell.number_measured_all         ? 
_reflns_shell.number_measured_obs         ? 
_reflns_shell.number_possible             ? 
_reflns_shell.number_unique_all           ? 
_reflns_shell.number_unique_obs           1307 
_reflns_shell.percent_possible_all        90.4 
_reflns_shell.percent_possible_obs        ? 
_reflns_shell.Rmerge_F_all                ? 
_reflns_shell.Rmerge_F_obs                ? 
_reflns_shell.Rmerge_I_all                ? 
_reflns_shell.Rmerge_I_obs                2.65 
_reflns_shell.meanI_over_sigI_gt          ? 
_reflns_shell.meanI_over_uI_all           ? 
_reflns_shell.meanI_over_uI_gt            ? 
_reflns_shell.number_measured_gt          ? 
_reflns_shell.number_unique_gt            ? 
_reflns_shell.percent_possible_gt         ? 
_reflns_shell.Rmerge_F_gt                 ? 
_reflns_shell.Rmerge_I_gt                 ? 
_reflns_shell.pdbx_redundancy             4.5 
_reflns_shell.pdbx_Rsym_value             0.60 
_reflns_shell.pdbx_chi_squared            ? 
_reflns_shell.pdbx_netI_over_sigmaI_all   ? 
_reflns_shell.pdbx_netI_over_sigmaI_obs   ? 
_reflns_shell.pdbx_Rrim_I_all             3.00 
_reflns_shell.pdbx_Rpim_I_all             ? 
_reflns_shell.pdbx_rejects                ? 
_reflns_shell.pdbx_ordinal                1 
_reflns_shell.pdbx_diffrn_id              1 
_reflns_shell.pdbx_CC_half                0.22 
_reflns_shell.pdbx_R_split                ? 
# 
_refine.aniso_B[1][1]                            -0.5100 
_refine.aniso_B[1][2]                            0.0000 
_refine.aniso_B[1][3]                            0.1200 
_refine.aniso_B[2][2]                            4.1000 
_refine.aniso_B[2][3]                            0.0000 
_refine.aniso_B[3][3]                            -3.5800 
_refine.B_iso_max                                220.490 
_refine.B_iso_mean                               44.0380 
_refine.B_iso_min                                19.100 
_refine.correlation_coeff_Fo_to_Fc               0.9500 
_refine.correlation_coeff_Fo_to_Fc_free          0.9380 
_refine.details                                  
'HYDROGENS HAVE BEEN ADDED IN THE RIDING POSITIONS U VALUES      : REFINED INDIVIDUALLY' 
_refine.diff_density_max                         ? 
_refine.diff_density_max_esd                     ? 
_refine.diff_density_min                         ? 
_refine.diff_density_min_esd                     ? 
_refine.diff_density_rms                         ? 
_refine.diff_density_rms_esd                     ? 
_refine.entry_id                                 6H5R 
_refine.pdbx_refine_id                           'X-RAY DIFFRACTION' 
_refine.ls_abs_structure_details                 ? 
_refine.ls_abs_structure_Flack                   ? 
_refine.ls_abs_structure_Flack_esd               ? 
_refine.ls_abs_structure_Rogers                  ? 
_refine.ls_abs_structure_Rogers_esd              ? 
_refine.ls_d_res_high                            2.0000 
_refine.ls_d_res_low                             35.6900 
_refine.ls_extinction_coef                       ? 
_refine.ls_extinction_coef_esd                   ? 
_refine.ls_extinction_expression                 ? 
_refine.ls_extinction_method                     ? 
_refine.ls_goodness_of_fit_all                   ? 
_refine.ls_goodness_of_fit_all_esd               ? 
_refine.ls_goodness_of_fit_obs                   ? 
_refine.ls_goodness_of_fit_obs_esd               ? 
_refine.ls_hydrogen_treatment                    ? 
_refine.ls_matrix_type                           ? 
_refine.ls_number_constraints                    ? 
_refine.ls_number_parameters                     ? 
_refine.ls_number_reflns_all                     ? 
_refine.ls_number_reflns_obs                     4178 
_refine.ls_number_reflns_R_free                  517 
_refine.ls_number_reflns_R_work                  ? 
_refine.ls_number_restraints                     ? 
_refine.ls_percent_reflns_obs                    99.3400 
_refine.ls_percent_reflns_R_free                 11.0000 
_refine.ls_R_factor_all                          ? 
_refine.ls_R_factor_obs                          0.2309 
_refine.ls_R_factor_R_free                       0.2528 
_refine.ls_R_factor_R_free_error                 ? 
_refine.ls_R_factor_R_free_error_details         ? 
_refine.ls_R_factor_R_work                       0.2284 
_refine.ls_R_Fsqd_factor_obs                     ? 
_refine.ls_R_I_factor_obs                        ? 
_refine.ls_redundancy_reflns_all                 ? 
_refine.ls_redundancy_reflns_obs                 ? 
_refine.ls_restrained_S_all                      ? 
_refine.ls_restrained_S_obs                      ? 
_refine.ls_shift_over_esd_max                    ? 
_refine.ls_shift_over_esd_mean                   ? 
_refine.ls_structure_factor_coef                 ? 
_refine.ls_weighting_details                     ? 
_refine.ls_weighting_scheme                      ? 
_refine.ls_wR_factor_all                         ? 
_refine.ls_wR_factor_obs                         ? 
_refine.ls_wR_factor_R_free                      0.2754 
_refine.ls_wR_factor_R_work                      0.2495 
_refine.occupancy_max                            ? 
_refine.occupancy_min                            ? 
_refine.solvent_model_details                    MASK 
_refine.solvent_model_param_bsol                 ? 
_refine.solvent_model_param_ksol                 ? 
_refine.ls_R_factor_gt                           ? 
_refine.ls_goodness_of_fit_gt                    ? 
_refine.ls_goodness_of_fit_ref                   ? 
_refine.ls_shift_over_su_max                     ? 
_refine.ls_shift_over_su_max_lt                  ? 
_refine.ls_shift_over_su_mean                    ? 
_refine.ls_shift_over_su_mean_lt                 ? 
_refine.pdbx_ls_sigma_I                          ? 
_refine.pdbx_ls_sigma_F                          0.000 
_refine.pdbx_ls_sigma_Fsqd                       ? 
_refine.pdbx_data_cutoff_high_absF               ? 
_refine.pdbx_data_cutoff_high_rms_absF           ? 
_refine.pdbx_data_cutoff_low_absF                ? 
_refine.pdbx_isotropic_thermal_model             ? 
_refine.pdbx_ls_cross_valid_method               THROUGHOUT 
_refine.pdbx_method_to_determine_struct          'MOLECULAR REPLACEMENT' 
_refine.pdbx_starting_model                      3R6R 
_refine.pdbx_stereochemistry_target_values       'MAXIMUM LIKELIHOOD' 
_refine.pdbx_R_Free_selection_details            RANDOM 
_refine.pdbx_stereochem_target_val_spec_case     ? 
_refine.pdbx_overall_ESU_R                       0.2900 
_refine.pdbx_overall_ESU_R_Free                  0.2040 
_refine.pdbx_solvent_vdw_probe_radii             1.2000 
_refine.pdbx_solvent_ion_probe_radii             0.8000 
_refine.pdbx_solvent_shrinkage_radii             0.8000 
_refine.pdbx_real_space_R                        ? 
_refine.pdbx_density_correlation                 ? 
_refine.pdbx_pd_number_of_powder_patterns        ? 
_refine.pdbx_pd_number_of_points                 ? 
_refine.pdbx_pd_meas_number_of_points            ? 
_refine.pdbx_pd_proc_ls_prof_R_factor            ? 
_refine.pdbx_pd_proc_ls_prof_wR_factor           ? 
_refine.pdbx_pd_Marquardt_correlation_coeff      ? 
_refine.pdbx_pd_Fsqrd_R_factor                   ? 
_refine.pdbx_pd_ls_matrix_band_width             ? 
_refine.pdbx_overall_phase_error                 ? 
_refine.pdbx_overall_SU_R_free_Cruickshank_DPI   ? 
_refine.pdbx_overall_SU_R_free_Blow_DPI          ? 
_refine.pdbx_overall_SU_R_Blow_DPI               ? 
_refine.pdbx_TLS_residual_ADP_flag               ? 
_refine.pdbx_diffrn_id                           1 
_refine.overall_SU_B                             5.0180 
_refine.overall_SU_ML                            0.1400 
_refine.overall_SU_R_Cruickshank_DPI             0.2898 
_refine.overall_SU_R_free                        0.2036 
_refine.overall_FOM_free_R_set                   ? 
_refine.overall_FOM_work_R_set                   0.7880 
_refine.pdbx_average_fsc_overall                 ? 
_refine.pdbx_average_fsc_work                    ? 
_refine.pdbx_average_fsc_free                    ? 
# 
_refine_hist.cycle_id                         final 
_refine_hist.pdbx_refine_id                   'X-RAY DIFFRACTION' 
_refine_hist.d_res_high                       2.0000 
_refine_hist.d_res_low                        35.6900 
_refine_hist.pdbx_number_atoms_ligand         81 
_refine_hist.number_atoms_solvent             39 
_refine_hist.number_atoms_total               624 
_refine_hist.pdbx_number_residues_total       24 
_refine_hist.pdbx_B_iso_mean_ligand           46.47 
_refine_hist.pdbx_B_iso_mean_solvent          59.02 
_refine_hist.pdbx_number_atoms_protein        0 
_refine_hist.pdbx_number_atoms_nucleic_acid   504 
# 
loop_
_refine_ls_restr.pdbx_refine_id 
_refine_ls_restr.criterion 
_refine_ls_restr.dev_ideal 
_refine_ls_restr.dev_ideal_target 
_refine_ls_restr.number 
_refine_ls_restr.rejects 
_refine_ls_restr.type 
_refine_ls_restr.weight 
_refine_ls_restr.pdbx_restraint_function 
'X-RAY DIFFRACTION' ? 0.004 0.012 649 ? r_bond_refined_d     ? ? 
'X-RAY DIFFRACTION' ? 0.002 0.020 379 ? r_bond_other_d       ? ? 
'X-RAY DIFFRACTION' ? 1.114 1.353 987 ? r_angle_refined_deg  ? ? 
'X-RAY DIFFRACTION' ? 2.645 3.000 886 ? r_angle_other_deg    ? ? 
'X-RAY DIFFRACTION' ? 0.317 0.200 79  ? r_chiral_restr       ? ? 
'X-RAY DIFFRACTION' ? 0.006 0.020 355 ? r_gen_planes_refined ? ? 
'X-RAY DIFFRACTION' ? 0.001 0.020 128 ? r_gen_planes_other   ? ? 
# 
_refine_ls_shell.pdbx_refine_id                   'X-RAY DIFFRACTION' 
_refine_ls_shell.d_res_high                       2.0000 
_refine_ls_shell.d_res_low                        2.0520 
_refine_ls_shell.number_reflns_all                337 
_refine_ls_shell.number_reflns_obs                ? 
_refine_ls_shell.number_reflns_R_free             41 
_refine_ls_shell.number_reflns_R_work             296 
_refine_ls_shell.percent_reflns_obs               98.8300 
_refine_ls_shell.percent_reflns_R_free            ? 
_refine_ls_shell.R_factor_all                     ? 
_refine_ls_shell.R_factor_obs                     ? 
_refine_ls_shell.R_factor_R_free                  0.3850 
_refine_ls_shell.R_factor_R_free_error            0.0000 
_refine_ls_shell.R_factor_R_work                  0.3160 
_refine_ls_shell.redundancy_reflns_all            ? 
_refine_ls_shell.redundancy_reflns_obs            ? 
_refine_ls_shell.wR_factor_all                    ? 
_refine_ls_shell.wR_factor_obs                    ? 
_refine_ls_shell.wR_factor_R_free                 ? 
_refine_ls_shell.wR_factor_R_work                 ? 
_refine_ls_shell.pdbx_total_number_of_bins_used   20 
_refine_ls_shell.pdbx_phase_error                 ? 
_refine_ls_shell.pdbx_fsc_work                    ? 
_refine_ls_shell.pdbx_fsc_free                    ? 
# 
_struct.entry_id                     6H5R 
_struct.title                        
'Structure of the complex of a human telomeric DNA with bis(1-butyl-3-methyl-imidazole-2-ylidene) gold(I)' 
_struct.pdbx_model_details           ? 
_struct.pdbx_formula_weight          ? 
_struct.pdbx_formula_weight_method   ? 
_struct.pdbx_model_type_details      ? 
_struct.pdbx_CASP_flag               N 
# 
_struct_keywords.entry_id        6H5R 
_struct_keywords.text            'DRUG-DNA COMPLEX, G quadruplex, DNA' 
_struct_keywords.pdbx_keywords   DNA 
# 
loop_
_struct_asym.id 
_struct_asym.pdbx_blank_PDB_chainid_flag 
_struct_asym.pdbx_modified 
_struct_asym.entity_id 
_struct_asym.details 
A N N 1 ? 
B N N 2 ? 
C N N 2 ? 
D N N 3 ? 
E N N 4 ? 
F N N 4 ? 
G N N 4 ? 
H N N 4 ? 
I N N 5 ? 
# 
_struct_ref.id                         1 
_struct_ref.db_name                    PDB 
_struct_ref.db_code                    6H5R 
_struct_ref.pdbx_db_accession          6H5R 
_struct_ref.pdbx_db_isoform            ? 
_struct_ref.entity_id                  1 
_struct_ref.pdbx_seq_one_letter_code   ? 
_struct_ref.pdbx_align_begin           1 
# 
_struct_ref_seq.align_id                      1 
_struct_ref_seq.ref_id                        1 
_struct_ref_seq.pdbx_PDB_id_code              6H5R 
_struct_ref_seq.pdbx_strand_id                A 
_struct_ref_seq.seq_align_beg                 1 
_struct_ref_seq.pdbx_seq_align_beg_ins_code   ? 
_struct_ref_seq.seq_align_end                 24 
_struct_ref_seq.pdbx_seq_align_end_ins_code   ? 
_struct_ref_seq.pdbx_db_accession             6H5R 
_struct_ref_seq.db_align_beg                  1 
_struct_ref_seq.pdbx_db_align_beg_ins_code    ? 
_struct_ref_seq.db_align_end                  24 
_struct_ref_seq.pdbx_db_align_end_ins_code    ? 
_struct_ref_seq.pdbx_auth_seq_align_beg       1 
_struct_ref_seq.pdbx_auth_seq_align_end       24 
# 
_pdbx_struct_assembly.id                   1 
_pdbx_struct_assembly.details              software_defined_assembly 
_pdbx_struct_assembly.method_details       PISA 
_pdbx_struct_assembly.oligomeric_details   dimeric 
_pdbx_struct_assembly.oligomeric_count     2 
# 
loop_
_pdbx_struct_assembly_prop.biol_id 
_pdbx_struct_assembly_prop.type 
_pdbx_struct_assembly_prop.value 
_pdbx_struct_assembly_prop.details 
1 'ABSA (A^2)' 2610 ? 
1 MORE         -131 ? 
1 'SSA (A^2)'  7620 ? 
# 
_pdbx_struct_assembly_gen.assembly_id       1 
_pdbx_struct_assembly_gen.oper_expression   1,2 
_pdbx_struct_assembly_gen.asym_id_list      A,B,C,D,E,F,G,H,I 
# 
_pdbx_struct_assembly_auth_evidence.id                     1 
_pdbx_struct_assembly_auth_evidence.assembly_id            1 
_pdbx_struct_assembly_auth_evidence.experimental_support   none 
_pdbx_struct_assembly_auth_evidence.details                ? 
# 
loop_
_pdbx_struct_oper_list.id 
_pdbx_struct_oper_list.type 
_pdbx_struct_oper_list.name 
_pdbx_struct_oper_list.symmetry_operation 
_pdbx_struct_oper_list.matrix[1][1] 
_pdbx_struct_oper_list.matrix[1][2] 
_pdbx_struct_oper_list.matrix[1][3] 
_pdbx_struct_oper_list.vector[1] 
_pdbx_struct_oper_list.matrix[2][1] 
_pdbx_struct_oper_list.matrix[2][2] 
_pdbx_struct_oper_list.matrix[2][3] 
_pdbx_struct_oper_list.vector[2] 
_pdbx_struct_oper_list.matrix[3][1] 
_pdbx_struct_oper_list.matrix[3][2] 
_pdbx_struct_oper_list.matrix[3][3] 
_pdbx_struct_oper_list.vector[3] 
1 'identity operation'         1_555 x,y,z     1.0000000000  0.0000000000 0.0000000000  0.0000000000  0.0000000000 1.0000000000  0.0000000000  0.0000000000  0.0000000000  0.0000000000  1.0000000000 0.0000000000 
2 'crystal symmetry operation' 2_556 -x,y,-z+1 -0.9380977363 0.2377291017 -0.2519077438 -5.2467861609 0.2377291017 -0.0870265095 -0.9674250673 11.5217177985 -0.2519077438 -0.9674250673 0.0251242457 9.5839041887 
# 
loop_
_struct_conn.id 
_struct_conn.conn_type_id 
_struct_conn.pdbx_leaving_atom_flag 
_struct_conn.pdbx_PDB_id 
_struct_conn.ptnr1_label_asym_id 
_struct_conn.ptnr1_label_comp_id 
_struct_conn.ptnr1_label_seq_id 
_struct_conn.ptnr1_label_atom_id 
_struct_conn.pdbx_ptnr1_label_alt_id 
_struct_conn.pdbx_ptnr1_PDB_ins_code 
_struct_conn.pdbx_ptnr1_standard_comp_id 
_struct_conn.ptnr1_symmetry 
_struct_conn.ptnr2_label_asym_id 
_struct_conn.ptnr2_label_comp_id 
_struct_conn.ptnr2_label_seq_id 
_struct_conn.ptnr2_label_atom_id 
_struct_conn.pdbx_ptnr2_label_alt_id 
_struct_conn.pdbx_ptnr2_PDB_ins_code 
_struct_conn.ptnr1_auth_asym_id 
_struct_conn.ptnr1_auth_comp_id 
_struct_conn.ptnr1_auth_seq_id 
_struct_conn.ptnr2_auth_asym_id 
_struct_conn.ptnr2_auth_comp_id 
_struct_conn.ptnr2_auth_seq_id 
_struct_conn.ptnr2_symmetry 
_struct_conn.pdbx_ptnr3_label_atom_id 
_struct_conn.pdbx_ptnr3_label_seq_id 
_struct_conn.pdbx_ptnr3_label_comp_id 
_struct_conn.pdbx_ptnr3_label_asym_id 
_struct_conn.pdbx_ptnr3_label_alt_id 
_struct_conn.pdbx_ptnr3_PDB_ins_code 
_struct_conn.details 
_struct_conn.pdbx_dist_value 
_struct_conn.pdbx_value_order 
_struct_conn.pdbx_role 
metalc1  metalc ? ? A DG 3  O6 ? ? ? 1_555 C K  .  K  ? ? A DG 3  A K  102 1_555 ? ? ? ? ? ? ?               2.740 ? ? 
metalc2  metalc ? ? A DG 3  O6 ? ? ? 1_555 D SR .  SR ? ? A DG 3  A SR 103 2_556 ? ? ? ? ? ? ?               2.565 ? ? 
metalc3  metalc ? ? A DG 4  O6 ? ? ? 1_555 B K  .  K  ? ? A DG 4  A K  101 1_555 ? ? ? ? ? ? ?               2.924 ? ? 
metalc4  metalc ? ? A DG 4  O6 ? ? ? 1_555 C K  .  K  ? ? A DG 4  A K  102 1_555 ? ? ? ? ? ? ?               2.897 ? ? 
metalc5  metalc ? ? A DG 5  O6 ? ? ? 1_555 B K  .  K  ? ? A DG 5  A K  101 1_555 ? ? ? ? ? ? ?               2.747 ? ? 
metalc6  metalc ? ? A DG 9  O6 ? ? ? 1_555 C K  .  K  ? ? A DG 9  A K  102 1_555 ? ? ? ? ? ? ?               2.771 ? ? 
metalc7  metalc ? ? A DG 9  O6 ? ? ? 1_555 D SR .  SR ? ? A DG 9  A SR 103 2_556 ? ? ? ? ? ? ?               2.602 ? ? 
metalc8  metalc ? ? A DG 10 O6 ? ? ? 1_555 B K  .  K  ? ? A DG 10 A K  101 1_555 ? ? ? ? ? ? ?               2.980 ? ? 
metalc9  metalc ? ? A DG 10 O6 ? ? ? 1_555 C K  .  K  ? ? A DG 10 A K  102 1_555 ? ? ? ? ? ? ?               3.008 ? ? 
metalc10 metalc ? ? A DG 11 O6 ? ? ? 1_555 B K  .  K  ? ? A DG 11 A K  101 1_555 ? ? ? ? ? ? ?               2.682 ? ? 
metalc11 metalc ? ? A DG 15 O6 ? ? ? 1_555 C K  .  K  ? ? A DG 15 A K  102 1_555 ? ? ? ? ? ? ?               2.752 ? ? 
metalc12 metalc ? ? A DG 15 O6 ? ? ? 1_555 D SR .  SR ? ? A DG 15 A SR 103 2_556 ? ? ? ? ? ? ?               2.576 ? ? 
metalc13 metalc ? ? A DG 16 O6 ? ? ? 1_555 B K  .  K  ? ? A DG 16 A K  101 1_555 ? ? ? ? ? ? ?               2.908 ? ? 
metalc14 metalc ? ? A DG 16 O6 ? ? ? 1_555 C K  .  K  ? ? A DG 16 A K  102 1_555 ? ? ? ? ? ? ?               2.877 ? ? 
metalc15 metalc ? ? A DG 17 O6 ? ? ? 1_555 B K  .  K  ? ? A DG 17 A K  101 1_555 ? ? ? ? ? ? ?               2.689 ? ? 
metalc16 metalc ? ? A DG 21 O6 ? ? ? 1_555 C K  .  K  ? ? A DG 21 A K  102 1_555 ? ? ? ? ? ? ?               2.787 ? ? 
metalc17 metalc ? ? A DG 21 O6 ? ? ? 1_555 D SR .  SR ? ? A DG 21 A SR 103 2_556 ? ? ? ? ? ? ?               2.603 ? ? 
metalc18 metalc ? ? A DG 22 O6 ? ? ? 1_555 B K  .  K  ? ? A DG 22 A K  101 1_555 ? ? ? ? ? ? ?               2.960 ? ? 
metalc19 metalc ? ? A DG 22 O6 ? ? ? 1_555 C K  .  K  ? ? A DG 22 A K  102 1_555 ? ? ? ? ? ? ?               2.915 ? ? 
metalc20 metalc ? ? A DG 23 O6 ? ? ? 1_555 B K  .  K  ? ? A DG 23 A K  101 1_555 ? ? ? ? ? ? ?               2.659 ? ? 
hydrog1  hydrog ? ? A DG 3  N1 ? ? ? 1_555 A DG 9  O6 ? ? A DG 3  A DG 9   1_555 ? ? ? ? ? ? TYPE_6_PAIR     ?     ? ? 
hydrog2  hydrog ? ? A DG 3  N2 ? ? ? 1_555 A DG 9  N7 ? ? A DG 3  A DG 9   1_555 ? ? ? ? ? ? TYPE_6_PAIR     ?     ? ? 
hydrog3  hydrog ? ? A DG 3  N7 ? ? ? 1_555 A DG 21 N2 ? ? A DG 3  A DG 21  1_555 ? ? ? ? ? ? TYPE_6_PAIR     ?     ? ? 
hydrog4  hydrog ? ? A DG 3  O6 ? ? ? 1_555 A DG 21 N1 ? ? A DG 3  A DG 21  1_555 ? ? ? ? ? ? TYPE_6_PAIR     ?     ? ? 
hydrog5  hydrog ? ? A DG 4  N1 ? ? ? 1_555 A DG 10 O6 ? ? A DG 4  A DG 10  1_555 ? ? ? ? ? ? TYPE_6_PAIR     ?     ? ? 
hydrog6  hydrog ? ? A DG 4  N2 ? ? ? 1_555 A DG 10 N7 ? ? A DG 4  A DG 10  1_555 ? ? ? ? ? ? TYPE_6_PAIR     ?     ? ? 
hydrog7  hydrog ? ? A DG 4  N7 ? ? ? 1_555 A DG 22 N2 ? ? A DG 4  A DG 22  1_555 ? ? ? ? ? ? TYPE_6_PAIR     ?     ? ? 
hydrog8  hydrog ? ? A DG 4  O6 ? ? ? 1_555 A DG 22 N1 ? ? A DG 4  A DG 22  1_555 ? ? ? ? ? ? TYPE_6_PAIR     ?     ? ? 
hydrog9  hydrog ? ? A DG 5  N2 ? ? ? 1_555 A DA 8  N1 ? ? A DG 5  A DA 8   1_555 ? ? ? ? ? ? 'DG-DA MISPAIR' ?     ? ? 
hydrog10 hydrog ? ? A DG 5  N1 ? ? ? 1_555 A DG 11 O6 ? ? A DG 5  A DG 11  1_555 ? ? ? ? ? ? TYPE_6_PAIR     ?     ? ? 
hydrog11 hydrog ? ? A DG 5  N2 ? ? ? 1_555 A DG 11 N7 ? ? A DG 5  A DG 11  1_555 ? ? ? ? ? ? TYPE_6_PAIR     ?     ? ? 
hydrog12 hydrog ? ? A DG 5  N7 ? ? ? 1_555 A DG 23 N2 ? ? A DG 5  A DG 23  1_555 ? ? ? ? ? ? TYPE_6_PAIR     ?     ? ? 
hydrog13 hydrog ? ? A DG 5  O6 ? ? ? 1_555 A DG 23 N1 ? ? A DG 5  A DG 23  1_555 ? ? ? ? ? ? TYPE_6_PAIR     ?     ? ? 
hydrog14 hydrog ? ? A DG 9  N1 ? ? ? 1_555 A DG 15 O6 ? ? A DG 9  A DG 15  1_555 ? ? ? ? ? ? TYPE_6_PAIR     ?     ? ? 
hydrog15 hydrog ? ? A DG 9  N2 ? ? ? 1_555 A DG 15 N7 ? ? A DG 9  A DG 15  1_555 ? ? ? ? ? ? TYPE_6_PAIR     ?     ? ? 
hydrog16 hydrog ? ? A DG 10 N1 ? ? ? 1_555 A DG 16 O6 ? ? A DG 10 A DG 16  1_555 ? ? ? ? ? ? TYPE_6_PAIR     ?     ? ? 
hydrog17 hydrog ? ? A DG 10 N2 ? ? ? 1_555 A DG 16 N7 ? ? A DG 10 A DG 16  1_555 ? ? ? ? ? ? TYPE_6_PAIR     ?     ? ? 
hydrog18 hydrog ? ? A DG 11 N2 ? ? ? 1_555 A DA 14 N1 ? ? A DG 11 A DA 14  1_555 ? ? ? ? ? ? 'DG-DA MISPAIR' ?     ? ? 
hydrog19 hydrog ? ? A DG 11 N1 ? ? ? 1_555 A DG 17 O6 ? ? A DG 11 A DG 17  1_555 ? ? ? ? ? ? TYPE_6_PAIR     ?     ? ? 
hydrog20 hydrog ? ? A DG 11 N2 ? ? ? 1_555 A DG 17 N7 ? ? A DG 11 A DG 17  1_555 ? ? ? ? ? ? TYPE_6_PAIR     ?     ? ? 
hydrog21 hydrog ? ? A DG 15 N1 ? ? ? 1_555 A DG 21 O6 ? ? A DG 15 A DG 21  1_555 ? ? ? ? ? ? TYPE_6_PAIR     ?     ? ? 
hydrog22 hydrog ? ? A DG 15 N2 ? ? ? 1_555 A DG 21 N7 ? ? A DG 15 A DG 21  1_555 ? ? ? ? ? ? TYPE_6_PAIR     ?     ? ? 
hydrog23 hydrog ? ? A DG 16 N1 ? ? ? 1_555 A DG 22 O6 ? ? A DG 16 A DG 22  1_555 ? ? ? ? ? ? TYPE_6_PAIR     ?     ? ? 
hydrog24 hydrog ? ? A DG 16 N2 ? ? ? 1_555 A DG 22 N7 ? ? A DG 16 A DG 22  1_555 ? ? ? ? ? ? TYPE_6_PAIR     ?     ? ? 
hydrog25 hydrog ? ? A DG 17 N2 ? ? ? 1_555 A DA 20 N1 ? ? A DG 17 A DA 20  1_555 ? ? ? ? ? ? 'DG-DA MISPAIR' ?     ? ? 
hydrog26 hydrog ? ? A DG 17 N1 ? ? ? 1_555 A DG 23 O6 ? ? A DG 17 A DG 23  1_555 ? ? ? ? ? ? TYPE_6_PAIR     ?     ? ? 
hydrog27 hydrog ? ? A DG 17 N2 ? ? ? 1_555 A DG 23 N7 ? ? A DG 17 A DG 23  1_555 ? ? ? ? ? ? TYPE_6_PAIR     ?     ? ? 
# 
loop_
_struct_conn_type.id 
_struct_conn_type.criteria 
_struct_conn_type.reference 
metalc ? ? 
hydrog ? ? 
# 
loop_
_pdbx_struct_conn_angle.id 
_pdbx_struct_conn_angle.ptnr1_label_atom_id 
_pdbx_struct_conn_angle.ptnr1_label_alt_id 
_pdbx_struct_conn_angle.ptnr1_label_asym_id 
_pdbx_struct_conn_angle.ptnr1_label_comp_id 
_pdbx_struct_conn_angle.ptnr1_label_seq_id 
_pdbx_struct_conn_angle.ptnr1_auth_atom_id 
_pdbx_struct_conn_angle.ptnr1_auth_asym_id 
_pdbx_struct_conn_angle.ptnr1_auth_comp_id 
_pdbx_struct_conn_angle.ptnr1_auth_seq_id 
_pdbx_struct_conn_angle.ptnr1_PDB_ins_code 
_pdbx_struct_conn_angle.ptnr1_symmetry 
_pdbx_struct_conn_angle.ptnr2_label_atom_id 
_pdbx_struct_conn_angle.ptnr2_label_alt_id 
_pdbx_struct_conn_angle.ptnr2_label_asym_id 
_pdbx_struct_conn_angle.ptnr2_label_comp_id 
_pdbx_struct_conn_angle.ptnr2_label_seq_id 
_pdbx_struct_conn_angle.ptnr2_auth_atom_id 
_pdbx_struct_conn_angle.ptnr2_auth_asym_id 
_pdbx_struct_conn_angle.ptnr2_auth_comp_id 
_pdbx_struct_conn_angle.ptnr2_auth_seq_id 
_pdbx_struct_conn_angle.ptnr2_PDB_ins_code 
_pdbx_struct_conn_angle.ptnr2_symmetry 
_pdbx_struct_conn_angle.ptnr3_label_atom_id 
_pdbx_struct_conn_angle.ptnr3_label_alt_id 
_pdbx_struct_conn_angle.ptnr3_label_asym_id 
_pdbx_struct_conn_angle.ptnr3_label_comp_id 
_pdbx_struct_conn_angle.ptnr3_label_seq_id 
_pdbx_struct_conn_angle.ptnr3_auth_atom_id 
_pdbx_struct_conn_angle.ptnr3_auth_asym_id 
_pdbx_struct_conn_angle.ptnr3_auth_comp_id 
_pdbx_struct_conn_angle.ptnr3_auth_seq_id 
_pdbx_struct_conn_angle.ptnr3_PDB_ins_code 
_pdbx_struct_conn_angle.ptnr3_symmetry 
_pdbx_struct_conn_angle.value 
_pdbx_struct_conn_angle.value_esd 
1  O6 ? A DG 3  ? A DG 3  ? 1_555 K  ? C K  . ? A K  102 ? 1_555 O6 ? A DG 4  ? A DG 4  ? 1_555 77.9  ? 
2  O6 ? A DG 3  ? A DG 3  ? 1_555 K  ? C K  . ? A K  102 ? 1_555 O6 ? A DG 9  ? A DG 9  ? 1_555 70.7  ? 
3  O6 ? A DG 4  ? A DG 4  ? 1_555 K  ? C K  . ? A K  102 ? 1_555 O6 ? A DG 9  ? A DG 9  ? 1_555 88.9  ? 
4  O6 ? A DG 3  ? A DG 3  ? 1_555 K  ? C K  . ? A K  102 ? 1_555 O6 ? A DG 10 ? A DG 10 ? 1_555 133.0 ? 
5  O6 ? A DG 4  ? A DG 4  ? 1_555 K  ? C K  . ? A K  102 ? 1_555 O6 ? A DG 10 ? A DG 10 ? 1_555 68.8  ? 
6  O6 ? A DG 9  ? A DG 9  ? 1_555 K  ? C K  . ? A K  102 ? 1_555 O6 ? A DG 10 ? A DG 10 ? 1_555 76.4  ? 
7  O6 ? A DG 3  ? A DG 3  ? 1_555 K  ? C K  . ? A K  102 ? 1_555 O6 ? A DG 15 ? A DG 15 ? 1_555 109.4 ? 
8  O6 ? A DG 4  ? A DG 4  ? 1_555 K  ? C K  . ? A K  102 ? 1_555 O6 ? A DG 15 ? A DG 15 ? 1_555 154.1 ? 
9  O6 ? A DG 9  ? A DG 9  ? 1_555 K  ? C K  . ? A K  102 ? 1_555 O6 ? A DG 15 ? A DG 15 ? 1_555 71.2  ? 
10 O6 ? A DG 10 ? A DG 10 ? 1_555 K  ? C K  . ? A K  102 ? 1_555 O6 ? A DG 15 ? A DG 15 ? 1_555 90.0  ? 
11 O6 ? A DG 3  ? A DG 3  ? 1_555 K  ? C K  . ? A K  102 ? 1_555 O6 ? A DG 16 ? A DG 16 ? 1_555 153.4 ? 
12 O6 ? A DG 4  ? A DG 4  ? 1_555 K  ? C K  . ? A K  102 ? 1_555 O6 ? A DG 16 ? A DG 16 ? 1_555 107.0 ? 
13 O6 ? A DG 9  ? A DG 9  ? 1_555 K  ? C K  . ? A K  102 ? 1_555 O6 ? A DG 16 ? A DG 16 ? 1_555 134.4 ? 
14 O6 ? A DG 10 ? A DG 10 ? 1_555 K  ? C K  . ? A K  102 ? 1_555 O6 ? A DG 16 ? A DG 16 ? 1_555 70.7  ? 
15 O6 ? A DG 15 ? A DG 15 ? 1_555 K  ? C K  . ? A K  102 ? 1_555 O6 ? A DG 16 ? A DG 16 ? 1_555 77.9  ? 
16 O6 ? A DG 3  ? A DG 3  ? 1_555 K  ? C K  . ? A K  102 ? 1_555 O6 ? A DG 21 ? A DG 21 ? 1_555 71.1  ? 
17 O6 ? A DG 4  ? A DG 4  ? 1_555 K  ? C K  . ? A K  102 ? 1_555 O6 ? A DG 21 ? A DG 21 ? 1_555 134.6 ? 
18 O6 ? A DG 9  ? A DG 9  ? 1_555 K  ? C K  . ? A K  102 ? 1_555 O6 ? A DG 21 ? A DG 21 ? 1_555 110.2 ? 
19 O6 ? A DG 10 ? A DG 10 ? 1_555 K  ? C K  . ? A K  102 ? 1_555 O6 ? A DG 21 ? A DG 21 ? 1_555 154.1 ? 
20 O6 ? A DG 15 ? A DG 15 ? 1_555 K  ? C K  . ? A K  102 ? 1_555 O6 ? A DG 21 ? A DG 21 ? 1_555 69.8  ? 
21 O6 ? A DG 16 ? A DG 16 ? 1_555 K  ? C K  . ? A K  102 ? 1_555 O6 ? A DG 21 ? A DG 21 ? 1_555 88.7  ? 
22 O6 ? A DG 3  ? A DG 3  ? 1_555 K  ? C K  . ? A K  102 ? 1_555 O6 ? A DG 22 ? A DG 22 ? 1_555 89.6  ? 
23 O6 ? A DG 4  ? A DG 4  ? 1_555 K  ? C K  . ? A K  102 ? 1_555 O6 ? A DG 22 ? A DG 22 ? 1_555 70.4  ? 
24 O6 ? A DG 9  ? A DG 9  ? 1_555 K  ? C K  . ? A K  102 ? 1_555 O6 ? A DG 22 ? A DG 22 ? 1_555 154.3 ? 
25 O6 ? A DG 10 ? A DG 10 ? 1_555 K  ? C K  . ? A K  102 ? 1_555 O6 ? A DG 22 ? A DG 22 ? 1_555 108.4 ? 
26 O6 ? A DG 15 ? A DG 15 ? 1_555 K  ? C K  . ? A K  102 ? 1_555 O6 ? A DG 22 ? A DG 22 ? 1_555 132.8 ? 
27 O6 ? A DG 16 ? A DG 16 ? 1_555 K  ? C K  . ? A K  102 ? 1_555 O6 ? A DG 22 ? A DG 22 ? 1_555 68.6  ? 
28 O6 ? A DG 21 ? A DG 21 ? 1_555 K  ? C K  . ? A K  102 ? 1_555 O6 ? A DG 22 ? A DG 22 ? 1_555 76.9  ? 
29 O6 ? A DG 3  ? A DG 3  ? 1_555 SR ? D SR . ? A SR 103 ? 2_556 O6 ? A DG 9  ? A DG 9  ? 1_555 76.2  ? 
30 O6 ? A DG 3  ? A DG 3  ? 1_555 SR ? D SR . ? A SR 103 ? 2_556 O6 ? A DG 15 ? A DG 15 ? 1_555 121.3 ? 
31 O6 ? A DG 9  ? A DG 9  ? 1_555 SR ? D SR . ? A SR 103 ? 2_556 O6 ? A DG 15 ? A DG 15 ? 1_555 76.7  ? 
32 O6 ? A DG 3  ? A DG 3  ? 1_555 SR ? D SR . ? A SR 103 ? 2_556 O6 ? A DG 21 ? A DG 21 ? 1_555 76.9  ? 
33 O6 ? A DG 9  ? A DG 9  ? 1_555 SR ? D SR . ? A SR 103 ? 2_556 O6 ? A DG 21 ? A DG 21 ? 1_555 122.3 ? 
34 O6 ? A DG 15 ? A DG 15 ? 1_555 SR ? D SR . ? A SR 103 ? 2_556 O6 ? A DG 21 ? A DG 21 ? 1_555 75.5  ? 
35 O6 ? A DG 4  ? A DG 4  ? 1_555 K  ? B K  . ? A K  101 ? 1_555 O6 ? A DG 5  ? A DG 5  ? 1_555 71.3  ? 
36 O6 ? A DG 4  ? A DG 4  ? 1_555 K  ? B K  . ? A K  101 ? 1_555 O6 ? A DG 10 ? A DG 10 ? 1_555 68.8  ? 
37 O6 ? A DG 5  ? A DG 5  ? 1_555 K  ? B K  . ? A K  101 ? 1_555 O6 ? A DG 10 ? A DG 10 ? 1_555 88.3  ? 
38 O6 ? A DG 4  ? A DG 4  ? 1_555 K  ? B K  . ? A K  101 ? 1_555 O6 ? A DG 11 ? A DG 11 ? 1_555 126.7 ? 
39 O6 ? A DG 5  ? A DG 5  ? 1_555 K  ? B K  . ? A K  101 ? 1_555 O6 ? A DG 11 ? A DG 11 ? 1_555 75.5  ? 
40 O6 ? A DG 10 ? A DG 10 ? 1_555 K  ? B K  . ? A K  101 ? 1_555 O6 ? A DG 11 ? A DG 11 ? 1_555 69.8  ? 
41 O6 ? A DG 4  ? A DG 4  ? 1_555 K  ? B K  . ? A K  101 ? 1_555 O6 ? A DG 16 ? A DG 16 ? 1_555 105.5 ? 
42 O6 ? A DG 5  ? A DG 5  ? 1_555 K  ? B K  . ? A K  101 ? 1_555 O6 ? A DG 16 ? A DG 16 ? 1_555 158.0 ? 
43 O6 ? A DG 10 ? A DG 10 ? 1_555 K  ? B K  . ? A K  101 ? 1_555 O6 ? A DG 16 ? A DG 16 ? 1_555 70.7  ? 
44 O6 ? A DG 11 ? A DG 11 ? 1_555 K  ? B K  . ? A K  101 ? 1_555 O6 ? A DG 16 ? A DG 16 ? 1_555 90.7  ? 
45 O6 ? A DG 4  ? A DG 4  ? 1_555 K  ? B K  . ? A K  101 ? 1_555 O6 ? A DG 17 ? A DG 17 ? 1_555 157.9 ? 
46 O6 ? A DG 5  ? A DG 5  ? 1_555 K  ? B K  . ? A K  101 ? 1_555 O6 ? A DG 17 ? A DG 17 ? 1_555 120.6 ? 
47 O6 ? A DG 10 ? A DG 10 ? 1_555 K  ? B K  . ? A K  101 ? 1_555 O6 ? A DG 17 ? A DG 17 ? 1_555 126.5 ? 
48 O6 ? A DG 11 ? A DG 11 ? 1_555 K  ? B K  . ? A K  101 ? 1_555 O6 ? A DG 17 ? A DG 17 ? 1_555 75.3  ? 
49 O6 ? A DG 16 ? A DG 16 ? 1_555 K  ? B K  . ? A K  101 ? 1_555 O6 ? A DG 17 ? A DG 17 ? 1_555 70.5  ? 
50 O6 ? A DG 4  ? A DG 4  ? 1_555 K  ? B K  . ? A K  101 ? 1_555 O6 ? A DG 22 ? A DG 22 ? 1_555 69.4  ? 
51 O6 ? A DG 5  ? A DG 5  ? 1_555 K  ? B K  . ? A K  101 ? 1_555 O6 ? A DG 22 ? A DG 22 ? 1_555 127.6 ? 
52 O6 ? A DG 10 ? A DG 10 ? 1_555 K  ? B K  . ? A K  101 ? 1_555 O6 ? A DG 22 ? A DG 22 ? 1_555 107.9 ? 
53 O6 ? A DG 11 ? A DG 11 ? 1_555 K  ? B K  . ? A K  101 ? 1_555 O6 ? A DG 22 ? A DG 22 ? 1_555 156.9 ? 
54 O6 ? A DG 16 ? A DG 16 ? 1_555 K  ? B K  . ? A K  101 ? 1_555 O6 ? A DG 22 ? A DG 22 ? 1_555 67.6  ? 
55 O6 ? A DG 17 ? A DG 17 ? 1_555 K  ? B K  . ? A K  101 ? 1_555 O6 ? A DG 22 ? A DG 22 ? 1_555 89.5  ? 
56 O6 ? A DG 4  ? A DG 4  ? 1_555 K  ? B K  . ? A K  101 ? 1_555 O6 ? A DG 23 ? A DG 23 ? 1_555 89.2  ? 
57 O6 ? A DG 5  ? A DG 5  ? 1_555 K  ? B K  . ? A K  101 ? 1_555 O6 ? A DG 23 ? A DG 23 ? 1_555 74.0  ? 
58 O6 ? A DG 10 ? A DG 10 ? 1_555 K  ? B K  . ? A K  101 ? 1_555 O6 ? A DG 23 ? A DG 23 ? 1_555 155.5 ? 
59 O6 ? A DG 11 ? A DG 11 ? 1_555 K  ? B K  . ? A K  101 ? 1_555 O6 ? A DG 23 ? A DG 23 ? 1_555 119.9 ? 
60 O6 ? A DG 16 ? A DG 16 ? 1_555 K  ? B K  . ? A K  101 ? 1_555 O6 ? A DG 23 ? A DG 23 ? 1_555 128.0 ? 
61 O6 ? A DG 17 ? A DG 17 ? 1_555 K  ? B K  . ? A K  101 ? 1_555 O6 ? A DG 23 ? A DG 23 ? 1_555 77.7  ? 
62 O6 ? A DG 22 ? A DG 22 ? 1_555 K  ? B K  . ? A K  101 ? 1_555 O6 ? A DG 23 ? A DG 23 ? 1_555 72.2  ? 
# 
loop_
_struct_site.id 
_struct_site.pdbx_evidence_code 
_struct_site.pdbx_auth_asym_id 
_struct_site.pdbx_auth_comp_id 
_struct_site.pdbx_auth_seq_id 
_struct_site.pdbx_auth_ins_code 
_struct_site.pdbx_num_residues 
_struct_site.details 
AC1 Software A K   101 ? 9  'binding site for residue K A 101'   
AC2 Software A K   102 ? 10 'binding site for residue K A 102'   
AC3 Software A SR  103 ? 9  'binding site for residue SR A 103'  
AC4 Software A FTQ 104 ? 12 'binding site for residue FTQ A 104' 
AC5 Software A FTQ 105 ? 10 'binding site for residue FTQ A 105' 
AC6 Software A FTQ 106 ? 12 'binding site for residue FTQ A 106' 
AC7 Software A FTQ 107 ? 13 'binding site for residue FTQ A 107' 
# 
loop_
_struct_site_gen.id 
_struct_site_gen.site_id 
_struct_site_gen.pdbx_num_res 
_struct_site_gen.label_comp_id 
_struct_site_gen.label_asym_id 
_struct_site_gen.label_seq_id 
_struct_site_gen.pdbx_auth_ins_code 
_struct_site_gen.auth_comp_id 
_struct_site_gen.auth_asym_id 
_struct_site_gen.auth_seq_id 
_struct_site_gen.label_atom_id 
_struct_site_gen.label_alt_id 
_struct_site_gen.symmetry 
_struct_site_gen.details 
1  AC1 9  DG  A 4  ? DG  A 4   . ? 1_555 ? 
2  AC1 9  DG  A 5  ? DG  A 5   . ? 1_555 ? 
3  AC1 9  DG  A 10 ? DG  A 10  . ? 1_555 ? 
4  AC1 9  DG  A 11 ? DG  A 11  . ? 1_555 ? 
5  AC1 9  DG  A 16 ? DG  A 16  . ? 1_555 ? 
6  AC1 9  DG  A 17 ? DG  A 17  . ? 1_555 ? 
7  AC1 9  DG  A 22 ? DG  A 22  . ? 1_555 ? 
8  AC1 9  DG  A 23 ? DG  A 23  . ? 1_555 ? 
9  AC1 9  K   C .  ? K   A 102 . ? 1_555 ? 
10 AC2 10 DG  A 3  ? DG  A 3   . ? 1_555 ? 
11 AC2 10 DG  A 4  ? DG  A 4   . ? 1_555 ? 
12 AC2 10 DG  A 9  ? DG  A 9   . ? 1_555 ? 
13 AC2 10 DG  A 10 ? DG  A 10  . ? 1_555 ? 
14 AC2 10 DG  A 15 ? DG  A 15  . ? 1_555 ? 
15 AC2 10 DG  A 16 ? DG  A 16  . ? 1_555 ? 
16 AC2 10 DG  A 21 ? DG  A 21  . ? 1_555 ? 
17 AC2 10 DG  A 22 ? DG  A 22  . ? 1_555 ? 
18 AC2 10 K   B .  ? K   A 101 . ? 1_555 ? 
19 AC2 10 SR  D .  ? SR  A 103 . ? 2_556 ? 
20 AC3 9  DG  A 3  ? DG  A 3   . ? 1_555 ? 
21 AC3 9  DG  A 3  ? DG  A 3   . ? 2_556 ? 
22 AC3 9  DG  A 9  ? DG  A 9   . ? 1_555 ? 
23 AC3 9  DG  A 9  ? DG  A 9   . ? 2_556 ? 
24 AC3 9  DG  A 15 ? DG  A 15  . ? 1_555 ? 
25 AC3 9  DG  A 15 ? DG  A 15  . ? 2_556 ? 
26 AC3 9  DG  A 21 ? DG  A 21  . ? 1_555 ? 
27 AC3 9  DG  A 21 ? DG  A 21  . ? 2_556 ? 
28 AC3 9  K   C .  ? K   A 102 . ? 2_556 ? 
29 AC4 12 DG  A 5  ? DG  A 5   . ? 1_555 ? 
30 AC4 12 DG  A 11 ? DG  A 11  . ? 1_555 ? 
31 AC4 12 DG  A 17 ? DG  A 17  . ? 1_555 ? 
32 AC4 12 DT  A 18 ? DT  A 18  . ? 1_555 ? 
33 AC4 12 DG  A 23 ? DG  A 23  . ? 1_555 ? 
34 AC4 12 DT  A 24 ? DT  A 24  . ? 1_555 ? 
35 AC4 12 FTQ F .  ? FTQ A 105 . ? 2_555 ? 
36 AC4 12 FTQ F .  ? FTQ A 105 . ? 1_555 ? 
37 AC4 12 FTQ G .  ? FTQ A 106 . ? 1_555 ? 
38 AC4 12 FTQ G .  ? FTQ A 106 . ? 2_555 ? 
39 AC4 12 FTQ H .  ? FTQ A 107 . ? 1_555 ? 
40 AC4 12 FTQ H .  ? FTQ A 107 . ? 2_555 ? 
41 AC5 10 DG  A 5  ? DG  A 5   . ? 1_555 ? 
42 AC5 10 DG  A 11 ? DG  A 11  . ? 1_555 ? 
43 AC5 10 DG  A 17 ? DG  A 17  . ? 1_555 ? 
44 AC5 10 DT  A 24 ? DT  A 24  . ? 1_555 ? 
45 AC5 10 FTQ E .  ? FTQ A 104 . ? 1_555 ? 
46 AC5 10 FTQ E .  ? FTQ A 104 . ? 2_555 ? 
47 AC5 10 FTQ G .  ? FTQ A 106 . ? 1_555 ? 
48 AC5 10 FTQ G .  ? FTQ A 106 . ? 2_555 ? 
49 AC5 10 FTQ H .  ? FTQ A 107 . ? 1_555 ? 
50 AC5 10 FTQ H .  ? FTQ A 107 . ? 2_555 ? 
51 AC6 12 DG  A 5  ? DG  A 5   . ? 1_555 ? 
52 AC6 12 DT  A 6  ? DT  A 6   . ? 1_555 ? 
53 AC6 12 DG  A 11 ? DG  A 11  . ? 1_555 ? 
54 AC6 12 DT  A 12 ? DT  A 12  . ? 1_555 ? 
55 AC6 12 DG  A 17 ? DG  A 17  . ? 1_555 ? 
56 AC6 12 DG  A 23 ? DG  A 23  . ? 1_555 ? 
57 AC6 12 FTQ E .  ? FTQ A 104 . ? 2_555 ? 
58 AC6 12 FTQ E .  ? FTQ A 104 . ? 1_555 ? 
59 AC6 12 FTQ F .  ? FTQ A 105 . ? 2_555 ? 
60 AC6 12 FTQ F .  ? FTQ A 105 . ? 1_555 ? 
61 AC6 12 FTQ H .  ? FTQ A 107 . ? 2_555 ? 
62 AC6 12 FTQ H .  ? FTQ A 107 . ? 1_555 ? 
63 AC7 13 DG  A 5  ? DG  A 5   . ? 1_555 ? 
64 AC7 13 DG  A 11 ? DG  A 11  . ? 1_555 ? 
65 AC7 13 DT  A 12 ? DT  A 12  . ? 1_555 ? 
66 AC7 13 DG  A 17 ? DG  A 17  . ? 1_555 ? 
67 AC7 13 DT  A 18 ? DT  A 18  . ? 1_555 ? 
68 AC7 13 DG  A 23 ? DG  A 23  . ? 1_555 ? 
69 AC7 13 DT  A 24 ? DT  A 24  . ? 2_555 ? 
70 AC7 13 FTQ E .  ? FTQ A 104 . ? 1_555 ? 
71 AC7 13 FTQ E .  ? FTQ A 104 . ? 2_555 ? 
72 AC7 13 FTQ F .  ? FTQ A 105 . ? 2_555 ? 
73 AC7 13 FTQ F .  ? FTQ A 105 . ? 1_555 ? 
74 AC7 13 FTQ G .  ? FTQ A 106 . ? 2_555 ? 
75 AC7 13 FTQ G .  ? FTQ A 106 . ? 1_555 ? 
# 
_pdbx_struct_special_symmetry.id              1 
_pdbx_struct_special_symmetry.PDB_model_num   1 
_pdbx_struct_special_symmetry.auth_asym_id    A 
_pdbx_struct_special_symmetry.auth_comp_id    HOH 
_pdbx_struct_special_symmetry.auth_seq_id     216 
_pdbx_struct_special_symmetry.PDB_ins_code    ? 
_pdbx_struct_special_symmetry.label_asym_id   I 
_pdbx_struct_special_symmetry.label_comp_id   HOH 
_pdbx_struct_special_symmetry.label_seq_id    . 
# 
_phasing.method   MR 
# 
loop_
_chem_comp_atom.comp_id 
_chem_comp_atom.atom_id 
_chem_comp_atom.type_symbol 
_chem_comp_atom.pdbx_aromatic_flag 
_chem_comp_atom.pdbx_stereo_config 
_chem_comp_atom.pdbx_ordinal 
DA  OP3    O  N N 1   
DA  P      P  N N 2   
DA  OP1    O  N N 3   
DA  OP2    O  N N 4   
DA  "O5'"  O  N N 5   
DA  "C5'"  C  N N 6   
DA  "C4'"  C  N R 7   
DA  "O4'"  O  N N 8   
DA  "C3'"  C  N S 9   
DA  "O3'"  O  N N 10  
DA  "C2'"  C  N N 11  
DA  "C1'"  C  N R 12  
DA  N9     N  Y N 13  
DA  C8     C  Y N 14  
DA  N7     N  Y N 15  
DA  C5     C  Y N 16  
DA  C6     C  Y N 17  
DA  N6     N  N N 18  
DA  N1     N  Y N 19  
DA  C2     C  Y N 20  
DA  N3     N  Y N 21  
DA  C4     C  Y N 22  
DA  HOP3   H  N N 23  
DA  HOP2   H  N N 24  
DA  "H5'"  H  N N 25  
DA  "H5''" H  N N 26  
DA  "H4'"  H  N N 27  
DA  "H3'"  H  N N 28  
DA  "HO3'" H  N N 29  
DA  "H2'"  H  N N 30  
DA  "H2''" H  N N 31  
DA  "H1'"  H  N N 32  
DA  H8     H  N N 33  
DA  H61    H  N N 34  
DA  H62    H  N N 35  
DA  H2     H  N N 36  
DG  OP3    O  N N 37  
DG  P      P  N N 38  
DG  OP1    O  N N 39  
DG  OP2    O  N N 40  
DG  "O5'"  O  N N 41  
DG  "C5'"  C  N N 42  
DG  "C4'"  C  N R 43  
DG  "O4'"  O  N N 44  
DG  "C3'"  C  N S 45  
DG  "O3'"  O  N N 46  
DG  "C2'"  C  N N 47  
DG  "C1'"  C  N R 48  
DG  N9     N  Y N 49  
DG  C8     C  Y N 50  
DG  N7     N  Y N 51  
DG  C5     C  Y N 52  
DG  C6     C  N N 53  
DG  O6     O  N N 54  
DG  N1     N  N N 55  
DG  C2     C  N N 56  
DG  N2     N  N N 57  
DG  N3     N  N N 58  
DG  C4     C  Y N 59  
DG  HOP3   H  N N 60  
DG  HOP2   H  N N 61  
DG  "H5'"  H  N N 62  
DG  "H5''" H  N N 63  
DG  "H4'"  H  N N 64  
DG  "H3'"  H  N N 65  
DG  "HO3'" H  N N 66  
DG  "H2'"  H  N N 67  
DG  "H2''" H  N N 68  
DG  "H1'"  H  N N 69  
DG  H8     H  N N 70  
DG  H1     H  N N 71  
DG  H21    H  N N 72  
DG  H22    H  N N 73  
DT  OP3    O  N N 74  
DT  P      P  N N 75  
DT  OP1    O  N N 76  
DT  OP2    O  N N 77  
DT  "O5'"  O  N N 78  
DT  "C5'"  C  N N 79  
DT  "C4'"  C  N R 80  
DT  "O4'"  O  N N 81  
DT  "C3'"  C  N S 82  
DT  "O3'"  O  N N 83  
DT  "C2'"  C  N N 84  
DT  "C1'"  C  N R 85  
DT  N1     N  N N 86  
DT  C2     C  N N 87  
DT  O2     O  N N 88  
DT  N3     N  N N 89  
DT  C4     C  N N 90  
DT  O4     O  N N 91  
DT  C5     C  N N 92  
DT  C7     C  N N 93  
DT  C6     C  N N 94  
DT  HOP3   H  N N 95  
DT  HOP2   H  N N 96  
DT  "H5'"  H  N N 97  
DT  "H5''" H  N N 98  
DT  "H4'"  H  N N 99  
DT  "H3'"  H  N N 100 
DT  "HO3'" H  N N 101 
DT  "H2'"  H  N N 102 
DT  "H2''" H  N N 103 
DT  "H1'"  H  N N 104 
DT  H3     H  N N 105 
DT  H71    H  N N 106 
DT  H72    H  N N 107 
DT  H73    H  N N 108 
DT  H6     H  N N 109 
FTQ C10    C  Y N 110 
FTQ C13    C  Y N 111 
FTQ C11    C  N N 112 
FTQ C14    C  Y N 113 
FTQ C16    C  N N 114 
FTQ C19    C  N N 115 
FTQ C20    C  N N 116 
FTQ C18    C  N N 117 
FTQ C3     C  N N 118 
FTQ N2     N  Y N 119 
FTQ C5     C  Y N 120 
FTQ C1     C  Y N 121 
FTQ N1     N  Y N 122 
FTQ C4     C  Y N 123 
FTQ C2     C  N N 124 
FTQ AU     AU N N 125 
FTQ N6     N  Y N 126 
FTQ C12    C  N N 127 
FTQ C15    C  N N 128 
FTQ C17    C  N N 129 
FTQ N5     N  Y N 130 
FTQ H1     H  N N 131 
FTQ H2     H  N N 132 
FTQ H3     H  N N 133 
FTQ H4     H  N N 134 
FTQ H5     H  N N 135 
FTQ H6     H  N N 136 
FTQ H7     H  N N 137 
FTQ H8     H  N N 138 
FTQ H9     H  N N 139 
FTQ H10    H  N N 140 
FTQ H11    H  N N 141 
FTQ H12    H  N N 142 
FTQ H13    H  N N 143 
FTQ H14    H  N N 144 
FTQ H15    H  N N 145 
FTQ H16    H  N N 146 
FTQ H17    H  N N 147 
FTQ H18    H  N N 148 
FTQ H19    H  N N 149 
FTQ H20    H  N N 150 
FTQ H21    H  N N 151 
FTQ H22    H  N N 152 
FTQ H23    H  N N 153 
FTQ H24    H  N N 154 
FTQ H25    H  N N 155 
FTQ H26    H  N N 156 
FTQ H27    H  N N 157 
FTQ H28    H  N N 158 
HOH O      O  N N 159 
HOH H1     H  N N 160 
HOH H2     H  N N 161 
K   K      K  N N 162 
SR  SR     SR N N 163 
# 
loop_
_chem_comp_bond.comp_id 
_chem_comp_bond.atom_id_1 
_chem_comp_bond.atom_id_2 
_chem_comp_bond.value_order 
_chem_comp_bond.pdbx_aromatic_flag 
_chem_comp_bond.pdbx_stereo_config 
_chem_comp_bond.pdbx_ordinal 
DA  OP3   P      sing N N 1   
DA  OP3   HOP3   sing N N 2   
DA  P     OP1    doub N N 3   
DA  P     OP2    sing N N 4   
DA  P     "O5'"  sing N N 5   
DA  OP2   HOP2   sing N N 6   
DA  "O5'" "C5'"  sing N N 7   
DA  "C5'" "C4'"  sing N N 8   
DA  "C5'" "H5'"  sing N N 9   
DA  "C5'" "H5''" sing N N 10  
DA  "C4'" "O4'"  sing N N 11  
DA  "C4'" "C3'"  sing N N 12  
DA  "C4'" "H4'"  sing N N 13  
DA  "O4'" "C1'"  sing N N 14  
DA  "C3'" "O3'"  sing N N 15  
DA  "C3'" "C2'"  sing N N 16  
DA  "C3'" "H3'"  sing N N 17  
DA  "O3'" "HO3'" sing N N 18  
DA  "C2'" "C1'"  sing N N 19  
DA  "C2'" "H2'"  sing N N 20  
DA  "C2'" "H2''" sing N N 21  
DA  "C1'" N9     sing N N 22  
DA  "C1'" "H1'"  sing N N 23  
DA  N9    C8     sing Y N 24  
DA  N9    C4     sing Y N 25  
DA  C8    N7     doub Y N 26  
DA  C8    H8     sing N N 27  
DA  N7    C5     sing Y N 28  
DA  C5    C6     sing Y N 29  
DA  C5    C4     doub Y N 30  
DA  C6    N6     sing N N 31  
DA  C6    N1     doub Y N 32  
DA  N6    H61    sing N N 33  
DA  N6    H62    sing N N 34  
DA  N1    C2     sing Y N 35  
DA  C2    N3     doub Y N 36  
DA  C2    H2     sing N N 37  
DA  N3    C4     sing Y N 38  
DG  OP3   P      sing N N 39  
DG  OP3   HOP3   sing N N 40  
DG  P     OP1    doub N N 41  
DG  P     OP2    sing N N 42  
DG  P     "O5'"  sing N N 43  
DG  OP2   HOP2   sing N N 44  
DG  "O5'" "C5'"  sing N N 45  
DG  "C5'" "C4'"  sing N N 46  
DG  "C5'" "H5'"  sing N N 47  
DG  "C5'" "H5''" sing N N 48  
DG  "C4'" "O4'"  sing N N 49  
DG  "C4'" "C3'"  sing N N 50  
DG  "C4'" "H4'"  sing N N 51  
DG  "O4'" "C1'"  sing N N 52  
DG  "C3'" "O3'"  sing N N 53  
DG  "C3'" "C2'"  sing N N 54  
DG  "C3'" "H3'"  sing N N 55  
DG  "O3'" "HO3'" sing N N 56  
DG  "C2'" "C1'"  sing N N 57  
DG  "C2'" "H2'"  sing N N 58  
DG  "C2'" "H2''" sing N N 59  
DG  "C1'" N9     sing N N 60  
DG  "C1'" "H1'"  sing N N 61  
DG  N9    C8     sing Y N 62  
DG  N9    C4     sing Y N 63  
DG  C8    N7     doub Y N 64  
DG  C8    H8     sing N N 65  
DG  N7    C5     sing Y N 66  
DG  C5    C6     sing N N 67  
DG  C5    C4     doub Y N 68  
DG  C6    O6     doub N N 69  
DG  C6    N1     sing N N 70  
DG  N1    C2     sing N N 71  
DG  N1    H1     sing N N 72  
DG  C2    N2     sing N N 73  
DG  C2    N3     doub N N 74  
DG  N2    H21    sing N N 75  
DG  N2    H22    sing N N 76  
DG  N3    C4     sing N N 77  
DT  OP3   P      sing N N 78  
DT  OP3   HOP3   sing N N 79  
DT  P     OP1    doub N N 80  
DT  P     OP2    sing N N 81  
DT  P     "O5'"  sing N N 82  
DT  OP2   HOP2   sing N N 83  
DT  "O5'" "C5'"  sing N N 84  
DT  "C5'" "C4'"  sing N N 85  
DT  "C5'" "H5'"  sing N N 86  
DT  "C5'" "H5''" sing N N 87  
DT  "C4'" "O4'"  sing N N 88  
DT  "C4'" "C3'"  sing N N 89  
DT  "C4'" "H4'"  sing N N 90  
DT  "O4'" "C1'"  sing N N 91  
DT  "C3'" "O3'"  sing N N 92  
DT  "C3'" "C2'"  sing N N 93  
DT  "C3'" "H3'"  sing N N 94  
DT  "O3'" "HO3'" sing N N 95  
DT  "C2'" "C1'"  sing N N 96  
DT  "C2'" "H2'"  sing N N 97  
DT  "C2'" "H2''" sing N N 98  
DT  "C1'" N1     sing N N 99  
DT  "C1'" "H1'"  sing N N 100 
DT  N1    C2     sing N N 101 
DT  N1    C6     sing N N 102 
DT  C2    O2     doub N N 103 
DT  C2    N3     sing N N 104 
DT  N3    C4     sing N N 105 
DT  N3    H3     sing N N 106 
DT  C4    O4     doub N N 107 
DT  C4    C5     sing N N 108 
DT  C5    C7     sing N N 109 
DT  C5    C6     doub N N 110 
DT  C7    H71    sing N N 111 
DT  C7    H72    sing N N 112 
DT  C7    H73    sing N N 113 
DT  C6    H6     sing N N 114 
FTQ C17   C16    sing N N 115 
FTQ C11   N5     sing N N 116 
FTQ C19   C18    sing N N 117 
FTQ C19   C20    sing N N 118 
FTQ C15   C16    sing N N 119 
FTQ C15   C12    sing N N 120 
FTQ N5    C10    doub Y N 121 
FTQ N5    C13    sing Y N 122 
FTQ C18   C3     sing N N 123 
FTQ C10   AU     sing N N 124 
FTQ C10   N6     sing Y N 125 
FTQ C2    N1     sing N N 126 
FTQ C13   C14    doub Y N 127 
FTQ C4    N1     sing Y N 128 
FTQ C4    C5     doub Y N 129 
FTQ N1    C1     doub Y N 130 
FTQ AU    C1     sing N N 131 
FTQ N6    C14    sing Y N 132 
FTQ N6    C12    sing N N 133 
FTQ C5    N2     sing Y N 134 
FTQ C1    N2     sing Y N 135 
FTQ N2    C3     sing N N 136 
FTQ C13   H1     sing N N 137 
FTQ C11   H2     sing N N 138 
FTQ C11   H3     sing N N 139 
FTQ C11   H4     sing N N 140 
FTQ C14   H5     sing N N 141 
FTQ C16   H6     sing N N 142 
FTQ C16   H7     sing N N 143 
FTQ C19   H8     sing N N 144 
FTQ C19   H9     sing N N 145 
FTQ C20   H10    sing N N 146 
FTQ C20   H11    sing N N 147 
FTQ C20   H12    sing N N 148 
FTQ C18   H13    sing N N 149 
FTQ C18   H14    sing N N 150 
FTQ C3    H15    sing N N 151 
FTQ C3    H16    sing N N 152 
FTQ C5    H17    sing N N 153 
FTQ C4    H18    sing N N 154 
FTQ C2    H19    sing N N 155 
FTQ C2    H20    sing N N 156 
FTQ C2    H21    sing N N 157 
FTQ C12   H22    sing N N 158 
FTQ C12   H23    sing N N 159 
FTQ C15   H24    sing N N 160 
FTQ C15   H25    sing N N 161 
FTQ C17   H26    sing N N 162 
FTQ C17   H27    sing N N 163 
FTQ C17   H28    sing N N 164 
HOH O     H1     sing N N 165 
HOH O     H2     sing N N 166 
# 
loop_
_ndb_struct_conf_na.entry_id 
_ndb_struct_conf_na.feature 
6H5R 'double helix'    
6H5R 'quadruple helix' 
# 
_ndb_struct_na_base_pair.model_number      1 
_ndb_struct_na_base_pair.i_label_asym_id   A 
_ndb_struct_na_base_pair.i_label_comp_id   DG 
_ndb_struct_na_base_pair.i_label_seq_id    3 
_ndb_struct_na_base_pair.i_symmetry        1_555 
_ndb_struct_na_base_pair.j_label_asym_id   A 
_ndb_struct_na_base_pair.j_label_comp_id   DG 
_ndb_struct_na_base_pair.j_label_seq_id    9 
_ndb_struct_na_base_pair.j_symmetry        1_555 
_ndb_struct_na_base_pair.shear             1.505 
_ndb_struct_na_base_pair.stretch           3.600 
_ndb_struct_na_base_pair.stagger           -0.066 
_ndb_struct_na_base_pair.buckle            -0.336 
_ndb_struct_na_base_pair.propeller         -0.542 
_ndb_struct_na_base_pair.opening           -90.494 
_ndb_struct_na_base_pair.pair_number       1 
_ndb_struct_na_base_pair.pair_name         A_DG3:DG9_A 
_ndb_struct_na_base_pair.i_auth_asym_id    A 
_ndb_struct_na_base_pair.i_auth_seq_id     3 
_ndb_struct_na_base_pair.i_PDB_ins_code    ? 
_ndb_struct_na_base_pair.j_auth_asym_id    A 
_ndb_struct_na_base_pair.j_auth_seq_id     9 
_ndb_struct_na_base_pair.j_PDB_ins_code    ? 
_ndb_struct_na_base_pair.hbond_type_28     6 
_ndb_struct_na_base_pair.hbond_type_12     3 
# 
_pdbx_initial_refinement_model.id               1 
_pdbx_initial_refinement_model.entity_id_list   ? 
_pdbx_initial_refinement_model.type             'experimental model' 
_pdbx_initial_refinement_model.source_name      PDB 
_pdbx_initial_refinement_model.accession_code   3R6R 
_pdbx_initial_refinement_model.details          ? 
# 
_atom_sites.entry_id                    6H5R 
_atom_sites.fract_transf_matrix[1][1]   -0.02518679 
_atom_sites.fract_transf_matrix[1][2]   -0.00393133 
_atom_sites.fract_transf_matrix[1][3]   -0.00989930 
_atom_sites.fract_transf_matrix[2][1]   -0.00246495 
_atom_sites.fract_transf_matrix[2][2]   -0.00946636 
_atom_sites.fract_transf_matrix[2][3]   0.01003096 
_atom_sites.fract_transf_matrix[3][1]   -0.01428618 
_atom_sites.fract_transf_matrix[3][2]   0.02650690 
_atom_sites.fract_transf_matrix[3][3]   0.02150436 
_atom_sites.fract_transf_vector[1]      0.004014 
_atom_sites.fract_transf_vector[2]      -0.020537 
_atom_sites.fract_transf_vector[3]      0.206777 
# 
loop_
_atom_type.symbol 
AU 
C  
K  
N  
O  
P  
SR 
# 
loop_
_atom_site.group_PDB 
_atom_site.id 
_atom_site.type_symbol 
_atom_site.label_atom_id 
_atom_site.label_alt_id 
_atom_site.label_comp_id 
_atom_site.label_asym_id 
_atom_site.label_entity_id 
_atom_site.label_seq_id 
_atom_site.pdbx_PDB_ins_code 
_atom_site.Cartn_x 
_atom_site.Cartn_y 
_atom_site.Cartn_z 
_atom_site.occupancy 
_atom_site.B_iso_or_equiv 
_atom_site.pdbx_formal_charge 
_atom_site.auth_seq_id 
_atom_site.auth_comp_id 
_atom_site.auth_asym_id 
_atom_site.auth_atom_id 
_atom_site.pdbx_PDB_model_num 
ATOM   1   O  "O5'" . DT  A 1 1  ? 18.608  5.754   -2.757  1.00 64.32  ? 1   DT  A "O5'" 1 
ATOM   2   C  "C5'" . DT  A 1 1  ? 18.875  5.724   -1.341  1.00 64.36  ? 1   DT  A "C5'" 1 
ATOM   3   C  "C4'" . DT  A 1 1  ? 17.683  5.154   -0.609  1.00 66.14  ? 1   DT  A "C4'" 1 
ATOM   4   O  "O4'" . DT  A 1 1  ? 17.806  3.718   -0.451  1.00 66.58  ? 1   DT  A "O4'" 1 
ATOM   5   C  "C3'" . DT  A 1 1  ? 17.427  5.712   0.801   1.00 66.55  ? 1   DT  A "C3'" 1 
ATOM   6   O  "O3'" . DT  A 1 1  ? 16.082  6.218   0.806   1.00 62.85  ? 1   DT  A "O3'" 1 
ATOM   7   C  "C2'" . DT  A 1 1  ? 17.602  4.493   1.696   1.00 67.76  ? 1   DT  A "C2'" 1 
ATOM   8   C  "C1'" . DT  A 1 1  ? 17.120  3.427   0.746   1.00 68.98  ? 1   DT  A "C1'" 1 
ATOM   9   N  N1    . DT  A 1 1  ? 17.317  1.999   1.103   1.00 69.81  ? 1   DT  A N1    1 
ATOM   10  C  C2    . DT  A 1 1  ? 17.465  1.063   0.101   1.00 70.95  ? 1   DT  A C2    1 
ATOM   11  O  O2    . DT  A 1 1  ? 17.552  1.356   -1.080  1.00 72.49  ? 1   DT  A O2    1 
ATOM   12  N  N3    . DT  A 1 1  ? 17.548  -0.237  0.539   1.00 73.99  ? 1   DT  A N3    1 
ATOM   13  C  C4    . DT  A 1 1  ? 17.456  -0.686  1.844   1.00 75.15  ? 1   DT  A C4    1 
ATOM   14  O  O4    . DT  A 1 1  ? 17.549  -1.886  2.085   1.00 78.72  ? 1   DT  A O4    1 
ATOM   15  C  C5    . DT  A 1 1  ? 17.253  0.344   2.838   1.00 75.14  ? 1   DT  A C5    1 
ATOM   16  C  C7    . DT  A 1 1  ? 17.130  -0.048  4.277   1.00 77.06  ? 1   DT  A C7    1 
ATOM   17  C  C6    . DT  A 1 1  ? 17.180  1.616   2.422   1.00 73.27  ? 1   DT  A C6    1 
ATOM   18  P  P     . DA  A 1 2  ? 15.470  6.991   2.076   1.00 61.05  ? 2   DA  A P     1 
ATOM   19  O  OP1   . DA  A 1 2  ? 15.486  8.446   1.783   1.00 62.91  ? 2   DA  A OP1   1 
ATOM   20  O  OP2   . DA  A 1 2  ? 16.120  6.488   3.309   1.00 60.94  ? 2   DA  A OP2   1 
ATOM   21  O  "O5'" . DA  A 1 2  ? 13.956  6.494   2.094   1.00 59.72  ? 2   DA  A "O5'" 1 
ATOM   22  C  "C5'" . DA  A 1 2  ? 13.020  6.915   1.081   1.00 57.85  ? 2   DA  A "C5'" 1 
ATOM   23  C  "C4'" . DA  A 1 2  ? 11.623  7.027   1.647   1.00 57.29  ? 2   DA  A "C4'" 1 
ATOM   24  O  "O4'" . DA  A 1 2  ? 10.995  5.721   1.691   1.00 56.99  ? 2   DA  A "O4'" 1 
ATOM   25  C  "C3'" . DA  A 1 2  ? 11.524  7.586   3.074   1.00 56.01  ? 2   DA  A "C3'" 1 
ATOM   26  O  "O3'" . DA  A 1 2  ? 10.467  8.557   3.110   1.00 53.35  ? 2   DA  A "O3'" 1 
ATOM   27  C  "C2'" . DA  A 1 2  ? 11.196  6.356   3.903   1.00 56.91  ? 2   DA  A "C2'" 1 
ATOM   28  C  "C1'" . DA  A 1 2  ? 10.305  5.622   2.921   1.00 58.67  ? 2   DA  A "C1'" 1 
ATOM   29  N  N9    . DA  A 1 2  ? 9.960   4.215   3.148   1.00 60.53  ? 2   DA  A N9    1 
ATOM   30  C  C8    . DA  A 1 2  ? 8.786   3.626   2.749   1.00 61.07  ? 2   DA  A C8    1 
ATOM   31  N  N7    . DA  A 1 2  ? 8.695   2.357   3.063   1.00 63.78  ? 2   DA  A N7    1 
ATOM   32  C  C5    . DA  A 1 2  ? 9.891   2.089   3.712   1.00 63.25  ? 2   DA  A C5    1 
ATOM   33  C  C6    . DA  A 1 2  ? 10.409  0.916   4.290   1.00 63.90  ? 2   DA  A C6    1 
ATOM   34  N  N6    . DA  A 1 2  ? 9.759   -0.250  4.304   1.00 61.69  ? 2   DA  A N6    1 
ATOM   35  N  N1    . DA  A 1 2  ? 11.632  0.984   4.859   1.00 65.84  ? 2   DA  A N1    1 
ATOM   36  C  C2    . DA  A 1 2  ? 12.283  2.156   4.845   1.00 65.05  ? 2   DA  A C2    1 
ATOM   37  N  N3    . DA  A 1 2  ? 11.901  3.326   4.331   1.00 63.26  ? 2   DA  A N3    1 
ATOM   38  C  C4    . DA  A 1 2  ? 10.681  3.224   3.773   1.00 61.96  ? 2   DA  A C4    1 
ATOM   39  P  P     . DG  A 1 3  ? 10.355  9.626   4.308   1.00 51.82  ? 3   DG  A P     1 
ATOM   40  O  OP1   . DG  A 1 3  ? 9.662   10.835  3.792   1.00 52.63  ? 3   DG  A OP1   1 
ATOM   41  O  OP2   . DG  A 1 3  ? 11.682  9.752   4.965   1.00 52.30  ? 3   DG  A OP2   1 
ATOM   42  O  "O5'" . DG  A 1 3  ? 9.401   8.907   5.360   1.00 45.69  ? 3   DG  A "O5'" 1 
ATOM   43  C  "C5'" . DG  A 1 3  ? 8.005   8.683   5.102   1.00 39.50  ? 3   DG  A "C5'" 1 
ATOM   44  C  "C4'" . DG  A 1 3  ? 7.466   7.778   6.184   1.00 35.24  ? 3   DG  A "C4'" 1 
ATOM   45  O  "O4'" . DG  A 1 3  ? 6.024   7.699   6.121   1.00 31.87  ? 3   DG  A "O4'" 1 
ATOM   46  C  "C3'" . DG  A 1 3  ? 7.962   6.337   6.102   1.00 32.88  ? 3   DG  A "C3'" 1 
ATOM   47  O  "O3'" . DG  A 1 3  ? 8.196   5.899   7.444   1.00 35.13  ? 3   DG  A "O3'" 1 
ATOM   48  C  "C2'" . DG  A 1 3  ? 6.826   5.631   5.385   1.00 31.04  ? 3   DG  A "C2'" 1 
ATOM   49  C  "C1'" . DG  A 1 3  ? 5.636   6.340   5.992   1.00 28.74  ? 3   DG  A "C1'" 1 
ATOM   50  N  N9    . DG  A 1 3  ? 4.391   6.302   5.231   1.00 25.01  ? 3   DG  A N9    1 
ATOM   51  C  C8    . DG  A 1 3  ? 4.057   7.052   4.128   1.00 24.21  ? 3   DG  A C8    1 
ATOM   52  N  N7    . DG  A 1 3  ? 2.839   6.831   3.708   1.00 22.98  ? 3   DG  A N7    1 
ATOM   53  C  C5    . DG  A 1 3  ? 2.334   5.894   4.599   1.00 22.62  ? 3   DG  A C5    1 
ATOM   54  C  C6    . DG  A 1 3  ? 1.060   5.279   4.660   1.00 22.09  ? 3   DG  A C6    1 
ATOM   55  O  O6    . DG  A 1 3  ? 0.093   5.436   3.903   1.00 20.30  ? 3   DG  A O6    1 
ATOM   56  N  N1    . DG  A 1 3  ? 0.970   4.387   5.728   1.00 21.72  ? 3   DG  A N1    1 
ATOM   57  C  C2    . DG  A 1 3  ? 1.980   4.128   6.626   1.00 21.99  ? 3   DG  A C2    1 
ATOM   58  N  N2    . DG  A 1 3  ? 1.707   3.239   7.592   1.00 20.78  ? 3   DG  A N2    1 
ATOM   59  N  N3    . DG  A 1 3  ? 3.170   4.701   6.581   1.00 22.05  ? 3   DG  A N3    1 
ATOM   60  C  C4    . DG  A 1 3  ? 3.278   5.565   5.550   1.00 23.02  ? 3   DG  A C4    1 
ATOM   61  P  P     . DG  A 1 4  ? 8.945   4.528   7.729   1.00 38.60  ? 4   DG  A P     1 
ATOM   62  O  OP1   . DG  A 1 4  ? 9.407   4.532   9.137   1.00 41.18  ? 4   DG  A OP1   1 
ATOM   63  O  OP2   . DG  A 1 4  ? 9.911   4.281   6.633   1.00 37.60  ? 4   DG  A OP2   1 
ATOM   64  O  "O5'" . DG  A 1 4  ? 7.760   3.475   7.646   1.00 37.37  ? 4   DG  A "O5'" 1 
ATOM   65  C  "C5'" . DG  A 1 4  ? 8.038   2.124   7.309   1.00 35.83  ? 4   DG  A "C5'" 1 
ATOM   66  C  "C4'" . DG  A 1 4  ? 7.099   1.221   8.068   1.00 34.61  ? 4   DG  A "C4'" 1 
ATOM   67  O  "O4'" . DG  A 1 4  ? 5.732   1.581   7.759   1.00 33.46  ? 4   DG  A "O4'" 1 
ATOM   68  C  "C3'" . DG  A 1 4  ? 7.248   -0.241  7.672   1.00 34.76  ? 4   DG  A "C3'" 1 
ATOM   69  O  "O3'" . DG  A 1 4  ? 7.043   -1.079  8.805   1.00 37.97  ? 4   DG  A "O3'" 1 
ATOM   70  C  "C2'" . DG  A 1 4  ? 6.201   -0.409  6.589   1.00 32.42  ? 4   DG  A "C2'" 1 
ATOM   71  C  "C1'" . DG  A 1 4  ? 5.101   0.537   7.031   1.00 30.01  ? 4   DG  A "C1'" 1 
ATOM   72  N  N9    . DG  A 1 4  ? 4.362   1.138   5.925   1.00 26.49  ? 4   DG  A N9    1 
ATOM   73  C  C8    . DG  A 1 4  ? 4.806   2.088   5.038   1.00 25.54  ? 4   DG  A C8    1 
ATOM   74  N  N7    . DG  A 1 4  ? 3.908   2.419   4.151   1.00 24.65  ? 4   DG  A N7    1 
ATOM   75  C  C5    . DG  A 1 4  ? 2.805   1.640   4.473   1.00 23.44  ? 4   DG  A C5    1 
ATOM   76  C  C6    . DG  A 1 4  ? 1.525   1.565   3.869   1.00 23.20  ? 4   DG  A C6    1 
ATOM   77  O  O6    . DG  A 1 4  ? 1.098   2.191   2.889   1.00 22.20  ? 4   DG  A O6    1 
ATOM   78  N  N1    . DG  A 1 4  ? 0.707   0.644   4.514   1.00 22.46  ? 4   DG  A N1    1 
ATOM   79  C  C2    . DG  A 1 4  ? 1.072   -0.111  5.601   1.00 22.98  ? 4   DG  A C2    1 
ATOM   80  N  N2    . DG  A 1 4  ? 0.141   -0.945  6.086   1.00 22.78  ? 4   DG  A N2    1 
ATOM   81  N  N3    . DG  A 1 4  ? 2.259   -0.041  6.181   1.00 23.29  ? 4   DG  A N3    1 
ATOM   82  C  C4    . DG  A 1 4  ? 3.071   0.843   5.565   1.00 24.07  ? 4   DG  A C4    1 
ATOM   83  P  P     . DG  A 1 5  ? 7.546   -2.583  8.766   1.00 43.17  ? 5   DG  A P     1 
ATOM   84  O  OP1   . DG  A 1 5  ? 7.747   -3.036  10.170  1.00 43.71  ? 5   DG  A OP1   1 
ATOM   85  O  OP2   . DG  A 1 5  ? 8.654   -2.681  7.780   1.00 40.93  ? 5   DG  A OP2   1 
ATOM   86  O  "O5'" . DG  A 1 5  ? 6.305   -3.360  8.142   1.00 40.04  ? 5   DG  A "O5'" 1 
ATOM   87  C  "C5'" . DG  A 1 5  ? 5.131   -3.631  8.919   1.00 38.76  ? 5   DG  A "C5'" 1 
ATOM   88  C  "C4'" . DG  A 1 5  ? 4.180   -4.493  8.123   1.00 38.59  ? 5   DG  A "C4'" 1 
ATOM   89  O  "O4'" . DG  A 1 5  ? 3.519   -3.690  7.115   1.00 35.05  ? 5   DG  A "O4'" 1 
ATOM   90  C  "C3'" . DG  A 1 5  ? 4.826   -5.663  7.372   1.00 38.93  ? 5   DG  A "C3'" 1 
ATOM   91  O  "O3'" . DG  A 1 5  ? 3.974   -6.809  7.503   1.00 45.51  ? 5   DG  A "O3'" 1 
ATOM   92  C  "C2'" . DG  A 1 5  ? 4.869   -5.170  5.935   1.00 36.89  ? 5   DG  A "C2'" 1 
ATOM   93  C  "C1'" . DG  A 1 5  ? 3.575   -4.384  5.881   1.00 34.04  ? 5   DG  A "C1'" 1 
ATOM   94  N  N9    . DG  A 1 5  ? 3.412   -3.407  4.810   1.00 32.17  ? 5   DG  A N9    1 
ATOM   95  C  C8    . DG  A 1 5  ? 4.331   -2.497  4.345   1.00 31.23  ? 5   DG  A C8    1 
ATOM   96  N  N7    . DG  A 1 5  ? 3.858   -1.732  3.398   1.00 31.23  ? 5   DG  A N7    1 
ATOM   97  C  C5    . DG  A 1 5  ? 2.541   -2.146  3.247   1.00 30.29  ? 5   DG  A C5    1 
ATOM   98  C  C6    . DG  A 1 5  ? 1.525   -1.683  2.370   1.00 29.43  ? 5   DG  A C6    1 
ATOM   99  O  O6    . DG  A 1 5  ? 1.587   -0.782  1.526   1.00 28.66  ? 5   DG  A O6    1 
ATOM   100 N  N1    . DG  A 1 5  ? 0.337   -2.387  2.547   1.00 28.93  ? 5   DG  A N1    1 
ATOM   101 C  C2    . DG  A 1 5  ? 0.147   -3.402  3.453   1.00 29.23  ? 5   DG  A C2    1 
ATOM   102 N  N2    . DG  A 1 5  ? -1.072  -3.962  3.473   1.00 29.29  ? 5   DG  A N2    1 
ATOM   103 N  N3    . DG  A 1 5  ? 1.087   -3.843  4.272   1.00 29.38  ? 5   DG  A N3    1 
ATOM   104 C  C4    . DG  A 1 5  ? 2.249   -3.172  4.120   1.00 30.52  ? 5   DG  A C4    1 
ATOM   105 P  P     . DT  A 1 6  ? 4.586   -8.284  7.606   1.00 51.00  ? 6   DT  A P     1 
ATOM   106 O  OP1   . DT  A 1 6  ? 5.559   -8.308  8.731   1.00 52.41  ? 6   DT  A OP1   1 
ATOM   107 O  OP2   . DT  A 1 6  ? 5.015   -8.708  6.251   1.00 51.23  ? 6   DT  A OP2   1 
ATOM   108 O  "O5'" . DT  A 1 6  ? 3.325   -9.166  8.018   1.00 53.57  ? 6   DT  A "O5'" 1 
ATOM   109 C  "C5'" . DT  A 1 6  ? 2.563   -8.858  9.200   1.00 56.66  ? 6   DT  A "C5'" 1 
ATOM   110 C  "C4'" . DT  A 1 6  ? 1.431   -9.842  9.398   1.00 59.82  ? 6   DT  A "C4'" 1 
ATOM   111 O  "O4'" . DT  A 1 6  ? 0.355   -9.536  8.478   1.00 60.25  ? 6   DT  A "O4'" 1 
ATOM   112 C  "C3'" . DT  A 1 6  ? 1.770   -11.317 9.170   1.00 60.97  ? 6   DT  A "C3'" 1 
ATOM   113 O  "O3'" . DT  A 1 6  ? 1.024   -12.133 10.081  1.00 63.14  ? 6   DT  A "O3'" 1 
ATOM   114 C  "C2'" . DT  A 1 6  ? 1.260   -11.578 7.766   1.00 61.62  ? 6   DT  A "C2'" 1 
ATOM   115 C  "C1'" . DT  A 1 6  ? 0.025   -10.693 7.725   1.00 62.68  ? 6   DT  A "C1'" 1 
ATOM   116 N  N1    . DT  A 1 6  ? -0.415  -10.253 6.383   1.00 63.70  ? 6   DT  A N1    1 
ATOM   117 C  C2    . DT  A 1 6  ? 0.395   -9.402  5.660   1.00 64.56  ? 6   DT  A C2    1 
ATOM   118 O  O2    . DT  A 1 6  ? 1.470   -8.997  6.067   1.00 65.45  ? 6   DT  A O2    1 
ATOM   119 N  N3    . DT  A 1 6  ? -0.105  -9.043  4.433   1.00 66.62  ? 6   DT  A N3    1 
ATOM   120 C  C4    . DT  A 1 6  ? -1.307  -9.432  3.873   1.00 67.48  ? 6   DT  A C4    1 
ATOM   121 O  O4    . DT  A 1 6  ? -1.623  -9.024  2.759   1.00 70.99  ? 6   DT  A O4    1 
ATOM   122 C  C5    . DT  A 1 6  ? -2.108  -10.320 4.687   1.00 66.98  ? 6   DT  A C5    1 
ATOM   123 C  C7    . DT  A 1 6  ? -3.428  -10.793 4.163   1.00 68.84  ? 6   DT  A C7    1 
ATOM   124 C  C6    . DT  A 1 6  ? -1.629  -10.680 5.885   1.00 63.98  ? 6   DT  A C6    1 
ATOM   125 P  P     . DT  A 1 7  ? 1.632   -13.508 10.643  1.00 64.55  ? 7   DT  A P     1 
ATOM   126 O  OP1   . DT  A 1 7  ? 2.685   -13.975 9.698   1.00 61.03  ? 7   DT  A OP1   1 
ATOM   127 O  OP2   . DT  A 1 7  ? 0.497   -14.409 10.972  1.00 63.17  ? 7   DT  A OP2   1 
ATOM   128 O  "O5'" . DT  A 1 7  ? 2.295   -13.050 12.017  1.00 63.69  ? 7   DT  A "O5'" 1 
ATOM   129 C  "C5'" . DT  A 1 7  ? 3.711   -12.846 12.102  1.00 61.91  ? 7   DT  A "C5'" 1 
ATOM   130 C  "C4'" . DT  A 1 7  ? 4.056   -11.795 13.129  1.00 60.89  ? 7   DT  A "C4'" 1 
ATOM   131 O  "O4'" . DT  A 1 7  ? 5.389   -12.065 13.612  1.00 59.23  ? 7   DT  A "O4'" 1 
ATOM   132 C  "C3'" . DT  A 1 7  ? 4.125   -10.375 12.579  1.00 60.21  ? 7   DT  A "C3'" 1 
ATOM   133 O  "O3'" . DT  A 1 7  ? 3.951   -9.401  13.616  1.00 58.77  ? 7   DT  A "O3'" 1 
ATOM   134 C  "C2'" . DT  A 1 7  ? 5.534   -10.314 12.017  1.00 59.51  ? 7   DT  A "C2'" 1 
ATOM   135 C  "C1'" . DT  A 1 7  ? 6.326   -11.192 12.983  1.00 59.40  ? 7   DT  A "C1'" 1 
ATOM   136 N  N1    . DT  A 1 7  ? 7.385   -12.029 12.363  1.00 59.05  ? 7   DT  A N1    1 
ATOM   137 C  C2    . DT  A 1 7  ? 8.703   -11.717 12.620  1.00 58.73  ? 7   DT  A C2    1 
ATOM   138 O  O2    . DT  A 1 7  ? 9.044   -10.777 13.321  1.00 59.50  ? 7   DT  A O2    1 
ATOM   139 N  N3    . DT  A 1 7  ? 9.616   -12.549 12.018  1.00 58.71  ? 7   DT  A N3    1 
ATOM   140 C  C4    . DT  A 1 7  ? 9.348   -13.636 11.205  1.00 60.01  ? 7   DT  A C4    1 
ATOM   141 O  O4    . DT  A 1 7  ? 10.273  -14.293 10.735  1.00 60.16  ? 7   DT  A O4    1 
ATOM   142 C  C5    . DT  A 1 7  ? 7.946   -13.905 10.979  1.00 59.90  ? 7   DT  A C5    1 
ATOM   143 C  C7    . DT  A 1 7  ? 7.557   -15.062 10.114  1.00 59.96  ? 7   DT  A C7    1 
ATOM   144 C  C6    . DT  A 1 7  ? 7.048   -13.101 11.563  1.00 59.76  ? 7   DT  A C6    1 
ATOM   145 P  P     . DA  A 1 8  ? 2.517   -8.723  13.863  1.00 61.40  ? 8   DA  A P     1 
ATOM   146 O  OP1   . DA  A 1 8  ? 2.639   -7.800  15.020  1.00 61.32  ? 8   DA  A OP1   1 
ATOM   147 O  OP2   . DA  A 1 8  ? 1.496   -9.801  13.886  1.00 59.32  ? 8   DA  A OP2   1 
ATOM   148 O  "O5'" . DA  A 1 8  ? 2.304   -7.835  12.556  1.00 58.32  ? 8   DA  A "O5'" 1 
ATOM   149 C  "C5'" . DA  A 1 8  ? 3.220   -6.770  12.220  1.00 56.29  ? 8   DA  A "C5'" 1 
ATOM   150 C  "C4'" . DA  A 1 8  ? 2.456   -5.526  11.834  1.00 55.44  ? 8   DA  A "C4'" 1 
ATOM   151 O  "O4'" . DA  A 1 8  ? 1.673   -5.793  10.645  1.00 53.71  ? 8   DA  A "O4'" 1 
ATOM   152 C  "C3'" . DA  A 1 8  ? 1.461   -5.023  12.885  1.00 54.62  ? 8   DA  A "C3'" 1 
ATOM   153 O  "O3'" . DA  A 1 8  ? 1.498   -3.591  12.930  1.00 54.23  ? 8   DA  A "O3'" 1 
ATOM   154 C  "C2'" . DA  A 1 8  ? 0.129   -5.539  12.370  1.00 53.78  ? 8   DA  A "C2'" 1 
ATOM   155 C  "C1'" . DA  A 1 8  ? 0.336   -5.387  10.878  1.00 53.04  ? 8   DA  A "C1'" 1 
ATOM   156 N  N9    . DA  A 1 8  ? -0.535  -6.177  10.007  1.00 51.41  ? 8   DA  A N9    1 
ATOM   157 C  C8    . DA  A 1 8  ? -1.177  -7.365  10.262  1.00 50.74  ? 8   DA  A C8    1 
ATOM   158 N  N7    . DA  A 1 8  ? -1.897  -7.801  9.257   1.00 50.03  ? 8   DA  A N7    1 
ATOM   159 C  C5    . DA  A 1 8  ? -1.714  -6.839  8.273   1.00 50.18  ? 8   DA  A C5    1 
ATOM   160 C  C6    . DA  A 1 8  ? -2.208  -6.719  6.961   1.00 49.54  ? 8   DA  A C6    1 
ATOM   161 N  N6    . DA  A 1 8  ? -3.021  -7.612  6.391   1.00 48.98  ? 8   DA  A N6    1 
ATOM   162 N  N1    . DA  A 1 8  ? -1.838  -5.633  6.247   1.00 48.69  ? 8   DA  A N1    1 
ATOM   163 C  C2    . DA  A 1 8  ? -1.020  -4.737  6.819   1.00 48.68  ? 8   DA  A C2    1 
ATOM   164 N  N3    . DA  A 1 8  ? -0.487  -4.743  8.040   1.00 48.34  ? 8   DA  A N3    1 
ATOM   165 C  C4    . DA  A 1 8  ? -0.878  -5.832  8.723   1.00 50.21  ? 8   DA  A C4    1 
ATOM   166 P  P     . DG  A 1 9  ? 0.694   -2.777  14.063  1.00 52.47  ? 9   DG  A P     1 
ATOM   167 O  OP1   . DG  A 1 9  ? 1.410   -1.494  14.305  1.00 52.17  ? 9   DG  A OP1   1 
ATOM   168 O  OP2   . DG  A 1 9  ? 0.402   -3.693  15.195  1.00 53.66  ? 9   DG  A OP2   1 
ATOM   169 O  "O5'" . DG  A 1 9  ? -0.699  -2.466  13.367  1.00 45.27  ? 9   DG  A "O5'" 1 
ATOM   170 C  "C5'" . DG  A 1 9  ? -0.822  -1.421  12.396  1.00 39.28  ? 9   DG  A "C5'" 1 
ATOM   171 C  "C4'" . DG  A 1 9  ? -2.239  -1.409  11.878  1.00 35.08  ? 9   DG  A "C4'" 1 
ATOM   172 O  "O4'" . DG  A 1 9  ? -2.442  -0.243  11.051  1.00 31.79  ? 9   DG  A "O4'" 1 
ATOM   173 C  "C3'" . DG  A 1 9  ? -2.599  -2.603  10.999  1.00 33.91  ? 9   DG  A "C3'" 1 
ATOM   174 O  "O3'" . DG  A 1 9  ? -3.971  -2.916  11.258  1.00 36.26  ? 9   DG  A "O3'" 1 
ATOM   175 C  "C2'" . DG  A 1 9  ? -2.337  -2.075  9.600   1.00 31.49  ? 9   DG  A "C2'" 1 
ATOM   176 C  "C1'" . DG  A 1 9  ? -2.821  -0.647  9.748   1.00 28.98  ? 9   DG  A "C1'" 1 
ATOM   177 N  N9    . DG  A 1 9  ? -2.266  0.317   8.809   1.00 25.63  ? 9   DG  A N9    1 
ATOM   178 C  C8    . DG  A 1 9  ? -1.015  0.888   8.833   1.00 24.87  ? 9   DG  A C8    1 
ATOM   179 N  N7    . DG  A 1 9  ? -0.826  1.748   7.870   1.00 23.52  ? 9   DG  A N7    1 
ATOM   180 C  C5    . DG  A 1 9  ? -2.031  1.760   7.182   1.00 22.70  ? 9   DG  A C5    1 
ATOM   181 C  C6    . DG  A 1 9  ? -2.432  2.505   6.045   1.00 21.73  ? 9   DG  A C6    1 
ATOM   182 O  O6    . DG  A 1 9  ? -1.774  3.322   5.389   1.00 20.38  ? 9   DG  A O6    1 
ATOM   183 N  N1    . DG  A 1 9  ? -3.748  2.221   5.683   1.00 21.45  ? 9   DG  A N1    1 
ATOM   184 C  C2    . DG  A 1 9  ? -4.568  1.326   6.327   1.00 21.17  ? 9   DG  A C2    1 
ATOM   185 N  N2    . DG  A 1 9  ? -5.803  1.180   5.826   1.00 20.43  ? 9   DG  A N2    1 
ATOM   186 N  N3    . DG  A 1 9  ? -4.209  0.634   7.393   1.00 21.87  ? 9   DG  A N3    1 
ATOM   187 C  C4    . DG  A 1 9  ? -2.934  0.892   7.757   1.00 23.69  ? 9   DG  A C4    1 
ATOM   188 P  P     . DG  A 1 10 ? -4.623  -4.244  10.672  1.00 39.77  ? 10  DG  A P     1 
ATOM   189 O  OP1   . DG  A 1 10 ? -5.903  -4.484  11.380  1.00 40.02  ? 10  DG  A OP1   1 
ATOM   190 O  OP2   . DG  A 1 10 ? -3.582  -5.301  10.617  1.00 38.07  ? 10  DG  A OP2   1 
ATOM   191 O  "O5'" . DG  A 1 10 ? -4.986  -3.814  9.189   1.00 37.28  ? 10  DG  A "O5'" 1 
ATOM   192 C  "C5'" . DG  A 1 10 ? -5.101  -4.802  8.172   1.00 36.54  ? 10  DG  A "C5'" 1 
ATOM   193 C  "C4'" . DG  A 1 10 ? -6.274  -4.471  7.285   1.00 35.30  ? 10  DG  A "C4'" 1 
ATOM   194 O  "O4'" . DG  A 1 10 ? -6.091  -3.154  6.709   1.00 32.77  ? 10  DG  A "O4'" 1 
ATOM   195 C  "C3'" . DG  A 1 10 ? -6.398  -5.421  6.105   1.00 35.44  ? 10  DG  A "C3'" 1 
ATOM   196 O  "O3'" . DG  A 1 10 ? -7.767  -5.557  5.732   1.00 39.49  ? 10  DG  A "O3'" 1 
ATOM   197 C  "C2'" . DG  A 1 10 ? -5.571  -4.734  5.038   1.00 33.14  ? 10  DG  A "C2'" 1 
ATOM   198 C  "C1'" . DG  A 1 10 ? -5.821  -3.263  5.318   1.00 30.23  ? 10  DG  A "C1'" 1 
ATOM   199 N  N9    . DG  A 1 10 ? -4.671  -2.418  5.013   1.00 27.37  ? 10  DG  A N9    1 
ATOM   200 C  C8    . DG  A 1 10 ? -3.455  -2.406  5.653   1.00 25.90  ? 10  DG  A C8    1 
ATOM   201 N  N7    . DG  A 1 10 ? -2.610  -1.559  5.132   1.00 25.30  ? 10  DG  A N7    1 
ATOM   202 C  C5    . DG  A 1 10 ? -3.307  -0.988  4.077   1.00 25.01  ? 10  DG  A C5    1 
ATOM   203 C  C6    . DG  A 1 10 ? -2.912  0.009   3.152   1.00 24.04  ? 10  DG  A C6    1 
ATOM   204 O  O6    . DG  A 1 10 ? -1.827  0.597   3.068   1.00 24.98  ? 10  DG  A O6    1 
ATOM   205 N  N1    . DG  A 1 10 ? -3.928  0.295   2.242   1.00 23.44  ? 10  DG  A N1    1 
ATOM   206 C  C2    . DG  A 1 10 ? -5.169  -0.296  2.232   1.00 23.30  ? 10  DG  A C2    1 
ATOM   207 N  N2    . DG  A 1 10 ? -6.018  0.120   1.277   1.00 22.21  ? 10  DG  A N2    1 
ATOM   208 N  N3    . DG  A 1 10 ? -5.553  -1.216  3.100   1.00 23.51  ? 10  DG  A N3    1 
ATOM   209 C  C4    . DG  A 1 10 ? -4.579  -1.512  3.987   1.00 24.53  ? 10  DG  A C4    1 
ATOM   210 P  P     . DG  A 1 11 ? -8.208  -6.749  4.786   1.00 43.75  ? 11  DG  A P     1 
ATOM   211 O  OP1   . DG  A 1 11 ? -9.657  -6.994  5.008   1.00 44.00  ? 11  DG  A OP1   1 
ATOM   212 O  OP2   . DG  A 1 11 ? -7.236  -7.859  4.949   1.00 43.24  ? 11  DG  A OP2   1 
ATOM   213 O  "O5'" . DG  A 1 11 ? -7.981  -6.139  3.337   1.00 41.55  ? 11  DG  A "O5'" 1 
ATOM   214 C  "C5'" . DG  A 1 11 ? -8.914  -5.207  2.770   1.00 38.93  ? 11  DG  A "C5'" 1 
ATOM   215 C  "C4'" . DG  A 1 11 ? -8.586  -4.982  1.314   1.00 37.22  ? 11  DG  A "C4'" 1 
ATOM   216 O  "O4'" . DG  A 1 11 ? -7.476  -4.060  1.203   1.00 34.65  ? 11  DG  A "O4'" 1 
ATOM   217 C  "C3'" . DG  A 1 11 ? -8.172  -6.235  0.535   1.00 36.12  ? 11  DG  A "C3'" 1 
ATOM   218 O  "O3'" . DG  A 1 11 ? -8.763  -6.184  -0.762  1.00 39.99  ? 11  DG  A "O3'" 1 
ATOM   219 C  "C2'" . DG  A 1 11 ? -6.668  -6.089  0.396   1.00 34.89  ? 11  DG  A "C2'" 1 
ATOM   220 C  "C1'" . DG  A 1 11 ? -6.543  -4.586  0.274   1.00 32.64  ? 11  DG  A "C1'" 1 
ATOM   221 N  N9    . DG  A 1 11 ? -5.238  -4.005  0.574   1.00 30.07  ? 11  DG  A N9    1 
ATOM   222 C  C8    . DG  A 1 11 ? -4.387  -4.316  1.607   1.00 29.44  ? 11  DG  A C8    1 
ATOM   223 N  N7    . DG  A 1 11 ? -3.306  -3.584  1.617   1.00 29.05  ? 11  DG  A N7    1 
ATOM   224 C  C5    . DG  A 1 11 ? -3.465  -2.725  0.538   1.00 27.80  ? 11  DG  A C5    1 
ATOM   225 C  C6    . DG  A 1 11 ? -2.616  -1.705  0.044   1.00 27.26  ? 11  DG  A C6    1 
ATOM   226 O  O6    . DG  A 1 11 ? -1.519  -1.340  0.480   1.00 27.61  ? 11  DG  A O6    1 
ATOM   227 N  N1    . DG  A 1 11 ? -3.161  -1.084  -1.078  1.00 26.20  ? 11  DG  A N1    1 
ATOM   228 C  C2    . DG  A 1 11 ? -4.371  -1.402  -1.647  1.00 27.18  ? 11  DG  A C2    1 
ATOM   229 N  N2    . DG  A 1 11 ? -4.730  -0.690  -2.729  1.00 27.12  ? 11  DG  A N2    1 
ATOM   230 N  N3    . DG  A 1 11 ? -5.166  -2.355  -1.199  1.00 27.18  ? 11  DG  A N3    1 
ATOM   231 C  C4    . DG  A 1 11 ? -4.653  -2.972  -0.113  1.00 28.23  ? 11  DG  A C4    1 
ATOM   232 P  P     . DT  A 1 12 ? -9.271  -7.514  -1.475  1.00 44.13  ? 12  DT  A P     1 
ATOM   233 O  OP1   . DT  A 1 12 ? -10.164 -8.240  -0.534  1.00 46.27  ? 12  DT  A OP1   1 
ATOM   234 O  OP2   . DT  A 1 12 ? -8.094  -8.208  -2.059  1.00 44.32  ? 12  DT  A OP2   1 
ATOM   235 O  "O5'" . DT  A 1 12 ? -10.176 -6.941  -2.654  1.00 48.48  ? 12  DT  A "O5'" 1 
ATOM   236 C  "C5'" . DT  A 1 12 ? -11.340 -6.140  -2.369  1.00 50.49  ? 12  DT  A "C5'" 1 
ATOM   237 C  "C4'" . DT  A 1 12 ? -11.976 -5.648  -3.648  1.00 52.11  ? 12  DT  A "C4'" 1 
ATOM   238 O  "O4'" . DT  A 1 12 ? -11.177 -4.575  -4.206  1.00 51.75  ? 12  DT  A "O4'" 1 
ATOM   239 C  "C3'" . DT  A 1 12 ? -12.100 -6.697  -4.753  1.00 52.61  ? 12  DT  A "C3'" 1 
ATOM   240 O  "O3'" . DT  A 1 12 ? -13.325 -6.533  -5.476  1.00 53.24  ? 12  DT  A "O3'" 1 
ATOM   241 C  "C2'" . DT  A 1 12 ? -10.902 -6.418  -5.641  1.00 53.10  ? 12  DT  A "C2'" 1 
ATOM   242 C  "C1'" . DT  A 1 12 ? -10.743 -4.912  -5.516  1.00 53.24  ? 12  DT  A "C1'" 1 
ATOM   243 N  N1    . DT  A 1 12 ? -9.353  -4.426  -5.676  1.00 52.30  ? 12  DT  A N1    1 
ATOM   244 C  C2    . DT  A 1 12 ? -9.025  -3.716  -6.812  1.00 52.69  ? 12  DT  A C2    1 
ATOM   245 O  O2    . DT  A 1 12 ? -9.828  -3.461  -7.696  1.00 51.61  ? 12  DT  A O2    1 
ATOM   246 N  N3    . DT  A 1 12 ? -7.715  -3.310  -6.874  1.00 52.39  ? 12  DT  A N3    1 
ATOM   247 C  C4    . DT  A 1 12 ? -6.724  -3.536  -5.937  1.00 53.30  ? 12  DT  A C4    1 
ATOM   248 O  O4    . DT  A 1 12 ? -5.590  -3.112  -6.133  1.00 53.41  ? 12  DT  A O4    1 
ATOM   249 C  C5    . DT  A 1 12 ? -7.135  -4.295  -4.776  1.00 53.29  ? 12  DT  A C5    1 
ATOM   250 C  C7    . DT  A 1 12 ? -6.131  -4.589  -3.706  1.00 53.24  ? 12  DT  A C7    1 
ATOM   251 C  C6    . DT  A 1 12 ? -8.412  -4.693  -4.703  1.00 53.06  ? 12  DT  A C6    1 
ATOM   252 P  P     . DT  A 1 13 ? -14.134 -7.821  -5.982  1.00 54.97  ? 13  DT  A P     1 
ATOM   253 O  OP1   . DT  A 1 13 ? -13.144 -8.846  -6.413  1.00 53.05  ? 13  DT  A OP1   1 
ATOM   254 O  OP2   . DT  A 1 13 ? -15.178 -7.361  -6.936  1.00 53.93  ? 13  DT  A OP2   1 
ATOM   255 O  "O5'" . DT  A 1 13 ? -14.845 -8.342  -4.656  1.00 55.76  ? 13  DT  A "O5'" 1 
ATOM   256 C  "C5'" . DT  A 1 13 ? -15.966 -7.639  -4.089  1.00 59.31  ? 13  DT  A "C5'" 1 
ATOM   257 C  "C4'" . DT  A 1 13 ? -16.190 -8.077  -2.660  1.00 61.49  ? 13  DT  A "C4'" 1 
ATOM   258 O  "O4'" . DT  A 1 13 ? -16.321 -9.519  -2.608  1.00 63.31  ? 13  DT  A "O4'" 1 
ATOM   259 C  "C3'" . DT  A 1 13 ? -15.060 -7.713  -1.690  1.00 62.83  ? 13  DT  A "C3'" 1 
ATOM   260 O  "O3'" . DT  A 1 13 ? -15.581 -7.176  -0.471  1.00 61.08  ? 13  DT  A "O3'" 1 
ATOM   261 C  "C2'" . DT  A 1 13 ? -14.388 -9.043  -1.394  1.00 64.76  ? 13  DT  A "C2'" 1 
ATOM   262 C  "C1'" . DT  A 1 13 ? -15.559 -10.001 -1.516  1.00 67.10  ? 13  DT  A "C1'" 1 
ATOM   263 N  N1    . DT  A 1 13 ? -15.235 -11.428 -1.762  1.00 72.50  ? 13  DT  A N1    1 
ATOM   264 C  C2    . DT  A 1 13 ? -14.514 -11.787 -2.882  1.00 75.34  ? 13  DT  A C2    1 
ATOM   265 O  O2    . DT  A 1 13 ? -14.114 -10.983 -3.707  1.00 79.39  ? 13  DT  A O2    1 
ATOM   266 N  N3    . DT  A 1 13 ? -14.278 -13.135 -3.001  1.00 76.99  ? 13  DT  A N3    1 
ATOM   267 C  C4    . DT  A 1 13 ? -14.682 -14.135 -2.136  1.00 80.06  ? 13  DT  A C4    1 
ATOM   268 O  O4    . DT  A 1 13 ? -14.394 -15.305 -2.376  1.00 84.17  ? 13  DT  A O4    1 
ATOM   269 C  C5    . DT  A 1 13 ? -15.435 -13.686 -0.984  1.00 79.04  ? 13  DT  A C5    1 
ATOM   270 C  C7    . DT  A 1 13 ? -15.915 -14.697 0.010   1.00 79.18  ? 13  DT  A C7    1 
ATOM   271 C  C6    . DT  A 1 13 ? -15.670 -12.373 -0.858  1.00 75.97  ? 13  DT  A C6    1 
ATOM   272 P  P     . DA  A 1 14 ? -15.882 -5.606  -0.326  1.00 61.02  ? 14  DA  A P     1 
ATOM   273 O  OP1   . DA  A 1 14 ? -17.129 -5.451  0.468   1.00 63.97  ? 14  DA  A OP1   1 
ATOM   274 O  OP2   . DA  A 1 14 ? -15.781 -4.978  -1.671  1.00 61.02  ? 14  DA  A OP2   1 
ATOM   275 O  "O5'" . DA  A 1 14 ? -14.697 -5.106  0.612   1.00 59.61  ? 14  DA  A "O5'" 1 
ATOM   276 C  "C5'" . DA  A 1 14 ? -13.369 -4.910  0.103   1.00 55.98  ? 14  DA  A "C5'" 1 
ATOM   277 C  "C4'" . DA  A 1 14 ? -12.689 -3.769  0.823   1.00 53.58  ? 14  DA  A "C4'" 1 
ATOM   278 O  "O4'" . DA  A 1 14 ? -11.626 -3.270  -0.023  1.00 51.90  ? 14  DA  A "O4'" 1 
ATOM   279 C  "C3'" . DA  A 1 14 ? -13.575 -2.556  1.110   1.00 51.80  ? 14  DA  A "C3'" 1 
ATOM   280 O  "O3'" . DA  A 1 14 ? -13.106 -1.874  2.279   1.00 50.93  ? 14  DA  A "O3'" 1 
ATOM   281 C  "C2'" . DA  A 1 14 ? -13.388 -1.719  -0.139  1.00 51.40  ? 14  DA  A "C2'" 1 
ATOM   282 C  "C1'" . DA  A 1 14 ? -11.904 -1.924  -0.386  1.00 51.43  ? 14  DA  A "C1'" 1 
ATOM   283 N  N9    . DA  A 1 14 ? -11.442 -1.719  -1.756  1.00 49.88  ? 14  DA  A N9    1 
ATOM   284 C  C8    . DA  A 1 14 ? -12.142 -1.793  -2.937  1.00 48.35  ? 14  DA  A C8    1 
ATOM   285 N  N7    . DA  A 1 14 ? -11.417 -1.533  -3.998  1.00 47.58  ? 14  DA  A N7    1 
ATOM   286 C  C5    . DA  A 1 14 ? -10.155 -1.271  -3.483  1.00 47.62  ? 14  DA  A C5    1 
ATOM   287 C  C6    . DA  A 1 14 ? -8.935  -0.929  -4.093  1.00 47.68  ? 14  DA  A C6    1 
ATOM   288 N  N6    . DA  A 1 14 ? -8.780  -0.785  -5.412  1.00 47.10  ? 14  DA  A N6    1 
ATOM   289 N  N1    . DA  A 1 14 ? -7.865  -0.732  -3.290  1.00 46.77  ? 14  DA  A N1    1 
ATOM   290 C  C2    . DA  A 1 14 ? -8.021  -0.870  -1.966  1.00 45.32  ? 14  DA  A C2    1 
ATOM   291 N  N3    . DA  A 1 14 ? -9.113  -1.196  -1.277  1.00 46.15  ? 14  DA  A N3    1 
ATOM   292 C  C4    . DA  A 1 14 ? -10.158 -1.380  -2.103  1.00 47.78  ? 14  DA  A C4    1 
ATOM   293 P  P     . DG  A 1 15 ? -13.956 -0.674  2.925   1.00 50.96  ? 15  DG  A P     1 
ATOM   294 O  OP1   . DG  A 1 15 ? -13.634 -0.608  4.374   1.00 50.25  ? 15  DG  A OP1   1 
ATOM   295 O  OP2   . DG  A 1 15 ? -15.369 -0.798  2.480   1.00 51.23  ? 15  DG  A OP2   1 
ATOM   296 O  "O5'" . DG  A 1 15 ? -13.376 0.617   2.196   1.00 45.26  ? 15  DG  A "O5'" 1 
ATOM   297 C  "C5'" . DG  A 1 15 ? -12.163 1.248   2.636   1.00 38.35  ? 15  DG  A "C5'" 1 
ATOM   298 C  "C4'" . DG  A 1 15 ? -11.842 2.399   1.712   1.00 33.70  ? 15  DG  A "C4'" 1 
ATOM   299 O  "O4'" . DG  A 1 15 ? -10.689 3.118   2.205   1.00 29.99  ? 15  DG  A "O4'" 1 
ATOM   300 C  "C3'" . DG  A 1 15 ? -11.483 1.986   0.288   1.00 32.77  ? 15  DG  A "C3'" 1 
ATOM   301 O  "O3'" . DG  A 1 15 ? -11.930 3.035   -0.574  1.00 35.55  ? 15  DG  A "O3'" 1 
ATOM   302 C  "C2'" . DG  A 1 15 ? -9.970  1.878   0.351   1.00 29.81  ? 15  DG  A "C2'" 1 
ATOM   303 C  "C1'" . DG  A 1 15 ? -9.657  3.075   1.227   1.00 28.16  ? 15  DG  A "C1'" 1 
ATOM   304 N  N9    . DG  A 1 15 ? -8.378  3.050   1.928   1.00 24.31  ? 15  DG  A N9    1 
ATOM   305 C  C8    . DG  A 1 15 ? -8.035  2.298   3.027   1.00 23.44  ? 15  DG  A C8    1 
ATOM   306 N  N7    . DG  A 1 15 ? -6.818  2.529   3.444   1.00 22.37  ? 15  DG  A N7    1 
ATOM   307 C  C5    . DG  A 1 15 ? -6.334  3.494   2.571   1.00 21.42  ? 15  DG  A C5    1 
ATOM   308 C  C6    . DG  A 1 15 ? -5.073  4.137   2.522   1.00 20.67  ? 15  DG  A C6    1 
ATOM   309 O  O6    . DG  A 1 15 ? -4.096  3.976   3.265   1.00 19.10  ? 15  DG  A O6    1 
ATOM   310 N  N1    . DG  A 1 15 ? -5.006  5.054   1.475   1.00 20.74  ? 15  DG  A N1    1 
ATOM   311 C  C2    . DG  A 1 15 ? -6.024  5.315   0.588   1.00 20.69  ? 15  DG  A C2    1 
ATOM   312 N  N2    . DG  A 1 15 ? -5.773  6.233   -0.355  1.00 20.65  ? 15  DG  A N2    1 
ATOM   313 N  N3    . DG  A 1 15 ? -7.203  4.722   0.625   1.00 21.10  ? 15  DG  A N3    1 
ATOM   314 C  C4    . DG  A 1 15 ? -7.287  3.828   1.633   1.00 21.89  ? 15  DG  A C4    1 
ATOM   315 P  P     . DG  A 1 16 ? -11.946 2.837   -2.150  1.00 41.70  ? 16  DG  A P     1 
ATOM   316 O  OP1   . DG  A 1 16 ? -12.867 3.844   -2.737  1.00 42.83  ? 16  DG  A OP1   1 
ATOM   317 O  OP2   . DG  A 1 16 ? -12.130 1.394   -2.446  1.00 40.57  ? 16  DG  A OP2   1 
ATOM   318 O  "O5'" . DG  A 1 16 ? -10.471 3.248   -2.563  1.00 41.78  ? 16  DG  A "O5'" 1 
ATOM   319 C  "C5'" . DG  A 1 16 ? -9.906  2.754   -3.774  1.00 39.49  ? 16  DG  A "C5'" 1 
ATOM   320 C  "C4'" . DG  A 1 16 ? -9.052  3.835   -4.387  1.00 37.41  ? 16  DG  A "C4'" 1 
ATOM   321 O  "O4'" . DG  A 1 16 ? -8.065  4.256   -3.417  1.00 35.35  ? 16  DG  A "O4'" 1 
ATOM   322 C  "C3'" . DG  A 1 16 ? -8.266  3.377   -5.605  1.00 36.96  ? 16  DG  A "C3'" 1 
ATOM   323 O  "O3'" . DG  A 1 16 ? -8.112  4.480   -6.500  1.00 39.58  ? 16  DG  A "O3'" 1 
ATOM   324 C  "C2'" . DG  A 1 16 ? -6.948  2.932   -5.003  1.00 34.75  ? 16  DG  A "C2'" 1 
ATOM   325 C  "C1'" . DG  A 1 16 ? -6.765  3.916   -3.862  1.00 30.76  ? 16  DG  A "C1'" 1 
ATOM   326 N  N9    . DG  A 1 16 ? -6.032  3.368   -2.727  1.00 27.32  ? 16  DG  A N9    1 
ATOM   327 C  C8    . DG  A 1 16 ? -6.465  2.416   -1.836  1.00 25.29  ? 16  DG  A C8    1 
ATOM   328 N  N7    . DG  A 1 16 ? -5.571  2.119   -0.933  1.00 24.21  ? 16  DG  A N7    1 
ATOM   329 C  C5    . DG  A 1 16 ? -4.481  2.915   -1.254  1.00 23.06  ? 16  DG  A C5    1 
ATOM   330 C  C6    . DG  A 1 16 ? -3.214  3.031   -0.630  1.00 22.41  ? 16  DG  A C6    1 
ATOM   331 O  O6    . DG  A 1 16 ? -2.789  2.429   0.361   1.00 22.58  ? 16  DG  A O6    1 
ATOM   332 N  N1    . DG  A 1 16 ? -2.405  3.959   -1.279  1.00 21.48  ? 16  DG  A N1    1 
ATOM   333 C  C2    . DG  A 1 16 ? -2.768  4.682   -2.388  1.00 22.17  ? 16  DG  A C2    1 
ATOM   334 N  N2    . DG  A 1 16 ? -1.848  5.531   -2.873  1.00 22.06  ? 16  DG  A N2    1 
ATOM   335 N  N3    . DG  A 1 16 ? -3.950  4.589   -2.975  1.00 22.68  ? 16  DG  A N3    1 
ATOM   336 C  C4    . DG  A 1 16 ? -4.749  3.689   -2.361  1.00 23.54  ? 16  DG  A C4    1 
ATOM   337 P  P     . DG  A 1 17 ? -7.729  4.217   -8.017  1.00 45.45  ? 17  DG  A P     1 
ATOM   338 O  OP1   . DG  A 1 17 ? -8.185  5.387   -8.814  1.00 44.00  ? 17  DG  A OP1   1 
ATOM   339 O  OP2   . DG  A 1 17 ? -8.178  2.847   -8.380  1.00 44.41  ? 17  DG  A OP2   1 
ATOM   340 O  "O5'" . DG  A 1 17 ? -6.140  4.190   -7.979  1.00 42.11  ? 17  DG  A "O5'" 1 
ATOM   341 C  "C5'" . DG  A 1 17 ? -5.374  5.402   -7.988  1.00 39.60  ? 17  DG  A "C5'" 1 
ATOM   342 C  "C4'" . DG  A 1 17 ? -3.911  5.067   -8.146  1.00 38.57  ? 17  DG  A "C4'" 1 
ATOM   343 O  "O4'" . DG  A 1 17 ? -3.394  4.561   -6.893  1.00 35.34  ? 17  DG  A "O4'" 1 
ATOM   344 C  "C3'" . DG  A 1 17 ? -3.602  3.990   -9.192  1.00 37.70  ? 17  DG  A "C3'" 1 
ATOM   345 O  "O3'" . DG  A 1 17 ? -2.422  4.371   -9.910  1.00 43.11  ? 17  DG  A "O3'" 1 
ATOM   346 C  "C2'" . DG  A 1 17 ? -3.343  2.753   -8.350  1.00 36.01  ? 17  DG  A "C2'" 1 
ATOM   347 C  "C1'" . DG  A 1 17 ? -2.653  3.383   -7.160  1.00 33.15  ? 17  DG  A "C1'" 1 
ATOM   348 N  N9    . DG  A 1 17 ? -2.586  2.606   -5.927  1.00 30.01  ? 17  DG  A N9    1 
ATOM   349 C  C8    . DG  A 1 17 ? -3.554  1.802   -5.376  1.00 29.09  ? 17  DG  A C8    1 
ATOM   350 N  N7    . DG  A 1 17 ? -3.192  1.269   -4.241  1.00 27.88  ? 17  DG  A N7    1 
ATOM   351 C  C5    . DG  A 1 17 ? -1.916  1.770   -4.021  1.00 27.85  ? 17  DG  A C5    1 
ATOM   352 C  C6    . DG  A 1 17 ? -1.007  1.535   -2.957  1.00 26.10  ? 17  DG  A C6    1 
ATOM   353 O  O6    . DG  A 1 17 ? -1.168  0.841   -1.947  1.00 26.96  ? 17  DG  A O6    1 
ATOM   354 N  N1    . DG  A 1 17 ? 0.182   2.236   -3.133  1.00 25.81  ? 17  DG  A N1    1 
ATOM   355 C  C2    . DG  A 1 17 ? 0.467   3.049   -4.203  1.00 27.04  ? 17  DG  A C2    1 
ATOM   356 N  N2    . DG  A 1 17 ? 1.674   3.634   -4.201  1.00 26.31  ? 17  DG  A N2    1 
ATOM   357 N  N3    . DG  A 1 17 ? -0.366  3.265   -5.207  1.00 27.00  ? 17  DG  A N3    1 
ATOM   358 C  C4    . DG  A 1 17 ? -1.530  2.597   -5.051  1.00 27.95  ? 17  DG  A C4    1 
ATOM   359 P  P     . DT  A 1 18 ? -2.285  4.066   -11.477 1.00 45.91  ? 18  DT  A P     1 
ATOM   360 O  OP1   . DT  A 1 18 ? -3.519  4.546   -12.154 1.00 47.59  ? 18  DT  A OP1   1 
ATOM   361 O  OP2   . DT  A 1 18 ? -1.855  2.654   -11.638 1.00 46.70  ? 18  DT  A OP2   1 
ATOM   362 O  "O5'" . DT  A 1 18 ? -1.091  5.020   -11.920 1.00 49.30  ? 18  DT  A "O5'" 1 
ATOM   363 C  "C5'" . DT  A 1 18 ? -1.184  6.445   -11.735 1.00 51.96  ? 18  DT  A "C5'" 1 
ATOM   364 C  "C4'" . DT  A 1 18 ? 0.097   7.128   -12.157 1.00 53.14  ? 18  DT  A "C4'" 1 
ATOM   365 O  "O4'" . DT  A 1 18 ? 1.113   6.925   -11.146 1.00 52.21  ? 18  DT  A "O4'" 1 
ATOM   366 C  "C3'" . DT  A 1 18 ? 0.701   6.636   -13.474 1.00 54.14  ? 18  DT  A "C3'" 1 
ATOM   367 O  "O3'" . DT  A 1 18 ? 1.206   7.737   -14.236 1.00 57.31  ? 18  DT  A "O3'" 1 
ATOM   368 C  "C2'" . DT  A 1 18 ? 1.832   5.727   -13.030 1.00 54.28  ? 18  DT  A "C2'" 1 
ATOM   369 C  "C1'" . DT  A 1 18 ? 2.282   6.370   -11.730 1.00 54.45  ? 18  DT  A "C1'" 1 
ATOM   370 N  N1    . DT  A 1 18 ? 2.894   5.449   -10.745 1.00 54.87  ? 18  DT  A N1    1 
ATOM   371 C  C2    . DT  A 1 18 ? 2.095   4.516   -10.116 1.00 56.37  ? 18  DT  A C2    1 
ATOM   372 O  O2    . DT  A 1 18 ? 0.900   4.406   -10.333 1.00 60.31  ? 18  DT  A O2    1 
ATOM   373 N  N3    . DT  A 1 18 ? 2.751   3.712   -9.218  1.00 55.80  ? 18  DT  A N3    1 
ATOM   374 C  C4    . DT  A 1 18 ? 4.094   3.745   -8.894  1.00 54.52  ? 18  DT  A C4    1 
ATOM   375 O  O4    . DT  A 1 18 ? 4.542   2.956   -8.067  1.00 53.54  ? 18  DT  A O4    1 
ATOM   376 C  C5    . DT  A 1 18 ? 4.874   4.746   -9.590  1.00 54.92  ? 18  DT  A C5    1 
ATOM   377 C  C7    . DT  A 1 18 ? 6.336   4.860   -9.296  1.00 56.63  ? 18  DT  A C7    1 
ATOM   378 C  C6    . DT  A 1 18 ? 4.242   5.538   -10.466 1.00 53.82  ? 18  DT  A C6    1 
ATOM   379 P  P     . DT  A 1 19 ? 1.197   7.680   -15.838 1.00 56.62  ? 19  DT  A P     1 
ATOM   380 O  OP1   . DT  A 1 19 ? 1.459   6.278   -16.249 1.00 54.97  ? 19  DT  A OP1   1 
ATOM   381 O  OP2   . DT  A 1 19 ? 2.079   8.769   -16.339 1.00 58.21  ? 19  DT  A OP2   1 
ATOM   382 O  "O5'" . DT  A 1 19 ? -0.314  8.030   -16.195 1.00 55.47  ? 19  DT  A "O5'" 1 
ATOM   383 C  "C5'" . DT  A 1 19 ? -0.822  9.371   -16.081 1.00 55.80  ? 19  DT  A "C5'" 1 
ATOM   384 C  "C4'" . DT  A 1 19 ? -2.315  9.336   -15.857 1.00 55.32  ? 19  DT  A "C4'" 1 
ATOM   385 O  "O4'" . DT  A 1 19 ? -2.951  8.589   -16.924 1.00 56.36  ? 19  DT  A "O4'" 1 
ATOM   386 C  "C3'" . DT  A 1 19 ? -2.739  8.659   -14.551 1.00 54.99  ? 19  DT  A "C3'" 1 
ATOM   387 O  "O3'" . DT  A 1 19 ? -3.730  9.438   -13.876 1.00 52.48  ? 19  DT  A "O3'" 1 
ATOM   388 C  "C2'" . DT  A 1 19 ? -3.296  7.319   -14.995 1.00 55.65  ? 19  DT  A "C2'" 1 
ATOM   389 C  "C1'" . DT  A 1 19 ? -3.855  7.649   -16.364 1.00 57.27  ? 19  DT  A "C1'" 1 
ATOM   390 N  N1    . DT  A 1 19 ? -3.978  6.505   -17.299 1.00 58.34  ? 19  DT  A N1    1 
ATOM   391 C  C2    . DT  A 1 19 ? -2.840  5.917   -17.812 1.00 59.56  ? 19  DT  A C2    1 
ATOM   392 O  O2    . DT  A 1 19 ? -1.713  6.294   -17.541 1.00 64.12  ? 19  DT  A O2    1 
ATOM   393 N  N3    . DT  A 1 19 ? -3.074  4.866   -18.663 1.00 60.65  ? 19  DT  A N3    1 
ATOM   394 C  C4    . DT  A 1 19 ? -4.300  4.355   -19.044 1.00 60.96  ? 19  DT  A C4    1 
ATOM   395 O  O4    . DT  A 1 19 ? -4.352  3.406   -19.821 1.00 63.66  ? 19  DT  A O4    1 
ATOM   396 C  C5    . DT  A 1 19 ? -5.450  5.016   -18.465 1.00 60.52  ? 19  DT  A C5    1 
ATOM   397 C  C7    . DT  A 1 19 ? -6.821  4.532   -18.819 1.00 62.15  ? 19  DT  A C7    1 
ATOM   398 C  C6    . DT  A 1 19 ? -5.233  6.043   -17.633 1.00 59.49  ? 19  DT  A C6    1 
ATOM   399 P  P     . DA  A 1 20 ? -3.284  10.500  -12.771 1.00 52.38  ? 20  DA  A P     1 
ATOM   400 O  OP1   . DA  A 1 20 ? -4.472  11.315  -12.409 1.00 52.56  ? 20  DA  A OP1   1 
ATOM   401 O  OP2   . DA  A 1 20 ? -2.046  11.169  -13.247 1.00 51.13  ? 20  DA  A OP2   1 
ATOM   402 O  "O5'" . DA  A 1 20 ? -2.893  9.577   -11.533 1.00 51.51  ? 20  DA  A "O5'" 1 
ATOM   403 C  "C5'" . DA  A 1 20 ? -3.897  8.840   -10.807 1.00 49.87  ? 20  DA  A "C5'" 1 
ATOM   404 C  "C4'" . DA  A 1 20 ? -3.694  9.020   -9.322  1.00 49.51  ? 20  DA  A "C4'" 1 
ATOM   405 O  "O4'" . DA  A 1 20 ? -2.465  8.363   -8.928  1.00 48.18  ? 20  DA  A "O4'" 1 
ATOM   406 C  "C3'" . DA  A 1 20 ? -3.557  10.474  -8.857  1.00 49.04  ? 20  DA  A "C3'" 1 
ATOM   407 O  "O3'" . DA  A 1 20 ? -4.274  10.663  -7.630  1.00 48.73  ? 20  DA  A "O3'" 1 
ATOM   408 C  "C2'" . DA  A 1 20 ? -2.060  10.634  -8.653  1.00 48.47  ? 20  DA  A "C2'" 1 
ATOM   409 C  "C1'" . DA  A 1 20 ? -1.712  9.257   -8.132  1.00 48.25  ? 20  DA  A "C1'" 1 
ATOM   410 N  N9    . DA  A 1 20 ? -0.310  8.853   -8.200  1.00 48.81  ? 20  DA  A N9    1 
ATOM   411 C  C8    . DA  A 1 20 ? 0.688   9.291   -9.036  1.00 48.98  ? 20  DA  A C8    1 
ATOM   412 N  N7    . DA  A 1 20 ? 1.848   8.719   -8.817  1.00 48.43  ? 20  DA  A N7    1 
ATOM   413 C  C5    . DA  A 1 20 ? 1.596   7.841   -7.773  1.00 48.78  ? 20  DA  A C5    1 
ATOM   414 C  C6    . DA  A 1 20 ? 2.416   6.935   -7.077  1.00 48.47  ? 20  DA  A C6    1 
ATOM   415 N  N6    . DA  A 1 20 ? 3.713   6.756   -7.343  1.00 48.71  ? 20  DA  A N6    1 
ATOM   416 N  N1    . DA  A 1 20 ? 1.852   6.210   -6.085  1.00 47.47  ? 20  DA  A N1    1 
ATOM   417 C  C2    . DA  A 1 20 ? 0.551   6.393   -5.816  1.00 46.57  ? 20  DA  A C2    1 
ATOM   418 N  N3    . DA  A 1 20 ? -0.322  7.209   -6.403  1.00 46.08  ? 20  DA  A N3    1 
ATOM   419 C  C4    . DA  A 1 20 ? 0.270   7.914   -7.383  1.00 48.35  ? 20  DA  A C4    1 
ATOM   420 P  P     . DG  A 1 21 ? -4.515  12.139  -7.040  1.00 50.02  ? 21  DG  A P     1 
ATOM   421 O  OP1   . DG  A 1 21 ? -5.855  12.164  -6.390  1.00 46.81  ? 21  DG  A OP1   1 
ATOM   422 O  OP2   . DG  A 1 21 ? -4.177  13.134  -8.092  1.00 48.29  ? 21  DG  A OP2   1 
ATOM   423 O  "O5'" . DG  A 1 21 ? -3.385  12.278  -5.928  1.00 42.39  ? 21  DG  A "O5'" 1 
ATOM   424 C  "C5'" . DG  A 1 21 ? -3.464  11.567  -4.686  1.00 37.12  ? 21  DG  A "C5'" 1 
ATOM   425 C  "C4'" . DG  A 1 21 ? -2.166  11.750  -3.937  1.00 34.10  ? 21  DG  A "C4'" 1 
ATOM   426 O  "O4'" . DG  A 1 21 ? -2.264  11.162  -2.619  1.00 31.05  ? 21  DG  A "O4'" 1 
ATOM   427 C  "C3'" . DG  A 1 21 ? -0.956  11.088  -4.593  1.00 32.92  ? 21  DG  A "C3'" 1 
ATOM   428 O  "O3'" . DG  A 1 21 ? 0.169   11.935  -4.358  1.00 34.62  ? 21  DG  A "O3'" 1 
ATOM   429 C  "C2'" . DG  A 1 21 ? -0.866  9.760   -3.861  1.00 30.64  ? 21  DG  A "C2'" 1 
ATOM   430 C  "C1'" . DG  A 1 21 ? -1.245  10.188  -2.459  1.00 29.36  ? 21  DG  A "C1'" 1 
ATOM   431 N  N9    . DG  A 1 21 ? -1.763  9.143   -1.584  1.00 26.44  ? 21  DG  A N9    1 
ATOM   432 C  C8    . DG  A 1 21 ? -3.011  8.567   -1.619  1.00 25.25  ? 21  DG  A C8    1 
ATOM   433 N  N7    . DG  A 1 21 ? -3.191  7.683   -0.675  1.00 24.82  ? 21  DG  A N7    1 
ATOM   434 C  C5    . DG  A 1 21 ? -1.997  7.689   0.034   1.00 23.62  ? 21  DG  A C5    1 
ATOM   435 C  C6    . DG  A 1 21 ? -1.599  6.937   1.168   1.00 22.60  ? 21  DG  A C6    1 
ATOM   436 O  O6    . DG  A 1 21 ? -2.241  6.081   1.791   1.00 21.15  ? 21  DG  A O6    1 
ATOM   437 N  N1    . DG  A 1 21 ? -0.299  7.252   1.561   1.00 22.21  ? 21  DG  A N1    1 
ATOM   438 C  C2    . DG  A 1 21 ? 0.509   8.178   0.943   1.00 22.48  ? 21  DG  A C2    1 
ATOM   439 N  N2    . DG  A 1 21 ? 1.730   8.348   1.470   1.00 22.07  ? 21  DG  A N2    1 
ATOM   440 N  N3    . DG  A 1 21 ? 0.146   8.888   -0.110  1.00 23.01  ? 21  DG  A N3    1 
ATOM   441 C  C4    . DG  A 1 21 ? -1.108  8.588   -0.514  1.00 24.63  ? 21  DG  A C4    1 
ATOM   442 P  P     . DG  A 1 22 ? 1.556   11.663  -5.093  1.00 38.81  ? 22  DG  A P     1 
ATOM   443 O  OP1   . DG  A 1 22 ? 2.354   12.909  -5.057  1.00 38.94  ? 22  DG  A OP1   1 
ATOM   444 O  OP2   . DG  A 1 22 ? 1.283   10.978  -6.386  1.00 38.23  ? 22  DG  A OP2   1 
ATOM   445 O  "O5'" . DG  A 1 22 ? 2.268   10.638  -4.116  1.00 36.28  ? 22  DG  A "O5'" 1 
ATOM   446 C  "C5'" . DG  A 1 22 ? 3.240   9.733   -4.630  1.00 36.67  ? 22  DG  A "C5'" 1 
ATOM   447 C  "C4'" . DG  A 1 22 ? 4.315   9.522   -3.596  1.00 35.04  ? 22  DG  A "C4'" 1 
ATOM   448 O  "O4'" . DG  A 1 22 ? 3.717   8.996   -2.388  1.00 33.00  ? 22  DG  A "O4'" 1 
ATOM   449 C  "C3'" . DG  A 1 22 ? 5.362   8.502   -4.017  1.00 35.02  ? 22  DG  A "C3'" 1 
ATOM   450 O  "O3'" . DG  A 1 22 ? 6.624   8.848   -3.451  1.00 37.39  ? 22  DG  A "O3'" 1 
ATOM   451 C  "C2'" . DG  A 1 22 ? 4.808   7.204   -3.461  1.00 33.01  ? 22  DG  A "C2'" 1 
ATOM   452 C  "C1'" . DG  A 1 22 ? 4.142   7.657   -2.174  1.00 30.15  ? 22  DG  A "C1'" 1 
ATOM   453 N  N9    . DG  A 1 22 ? 2.971   6.867   -1.819  1.00 26.63  ? 22  DG  A N9    1 
ATOM   454 C  C8    . DG  A 1 22 ? 1.765   6.825   -2.477  1.00 24.86  ? 22  DG  A C8    1 
ATOM   455 N  N7    . DG  A 1 22 ? 0.915   5.999   -1.933  1.00 23.88  ? 22  DG  A N7    1 
ATOM   456 C  C5    . DG  A 1 22 ? 1.601   5.461   -0.854  1.00 23.88  ? 22  DG  A C5    1 
ATOM   457 C  C6    . DG  A 1 22 ? 1.192   4.513   0.111   1.00 22.92  ? 22  DG  A C6    1 
ATOM   458 O  O6    . DG  A 1 22 ? 0.101   3.939   0.209   1.00 23.44  ? 22  DG  A O6    1 
ATOM   459 N  N1    . DG  A 1 22 ? 2.204   4.246   1.030   1.00 22.29  ? 22  DG  A N1    1 
ATOM   460 C  C2    . DG  A 1 22 ? 3.455   4.813   1.012   1.00 22.53  ? 22  DG  A C2    1 
ATOM   461 N  N2    . DG  A 1 22 ? 4.297   4.430   1.983   1.00 22.09  ? 22  DG  A N2    1 
ATOM   462 N  N3    . DG  A 1 22 ? 3.846   5.707   0.121   1.00 22.49  ? 22  DG  A N3    1 
ATOM   463 C  C4    . DG  A 1 22 ? 2.875   5.983   -0.776  1.00 23.47  ? 22  DG  A C4    1 
ATOM   464 P  P     . DG  A 1 23 ? 7.958   8.248   -4.072  1.00 42.13  ? 23  DG  A P     1 
ATOM   465 O  OP1   . DG  A 1 23 ? 9.077   9.161   -3.729  1.00 44.23  ? 23  DG  A OP1   1 
ATOM   466 O  OP2   . DG  A 1 23 ? 7.698   7.890   -5.493  1.00 42.77  ? 23  DG  A OP2   1 
ATOM   467 O  "O5'" . DG  A 1 23 ? 8.138   6.892   -3.265  1.00 40.95  ? 23  DG  A "O5'" 1 
ATOM   468 C  "C5'" . DG  A 1 23 ? 8.510   6.904   -1.880  1.00 39.50  ? 23  DG  A "C5'" 1 
ATOM   469 C  "C4'" . DG  A 1 23 ? 8.782   5.495   -1.418  1.00 38.21  ? 23  DG  A "C4'" 1 
ATOM   470 O  "O4'" . DG  A 1 23 ? 7.537   4.868   -1.033  1.00 35.83  ? 23  DG  A "O4'" 1 
ATOM   471 C  "C3'" . DG  A 1 23 ? 9.405   4.569   -2.468  1.00 38.71  ? 23  DG  A "C3'" 1 
ATOM   472 O  "O3'" . DG  A 1 23 ? 10.330  3.704   -1.808  1.00 42.83  ? 23  DG  A "O3'" 1 
ATOM   473 C  "C2'" . DG  A 1 23 ? 8.223   3.753   -2.956  1.00 36.30  ? 23  DG  A "C2'" 1 
ATOM   474 C  "C1'" . DG  A 1 23 ? 7.467   3.595   -1.655  1.00 34.15  ? 23  DG  A "C1'" 1 
ATOM   475 N  N9    . DG  A 1 23 ? 6.063   3.219   -1.748  1.00 30.66  ? 23  DG  A N9    1 
ATOM   476 C  C8    . DG  A 1 23 ? 5.133   3.638   -2.668  1.00 30.17  ? 23  DG  A C8    1 
ATOM   477 N  N7    . DG  A 1 23 ? 3.946   3.138   -2.458  1.00 29.16  ? 23  DG  A N7    1 
ATOM   478 C  C5    . DG  A 1 23 ? 4.100   2.354   -1.323  1.00 28.41  ? 23  DG  A C5    1 
ATOM   479 C  C6    . DG  A 1 23 ? 3.157   1.571   -0.614  1.00 28.24  ? 23  DG  A C6    1 
ATOM   480 O  O6    . DG  A 1 23 ? 1.955   1.402   -0.858  1.00 27.52  ? 23  DG  A O6    1 
ATOM   481 N  N1    . DG  A 1 23 ? 3.736   0.941   0.485   1.00 27.20  ? 23  DG  A N1    1 
ATOM   482 C  C2    . DG  A 1 23 ? 5.056   1.050   0.851   1.00 28.39  ? 23  DG  A C2    1 
ATOM   483 N  N2    . DG  A 1 23 ? 5.430   0.368   1.944   1.00 28.57  ? 23  DG  A N2    1 
ATOM   484 N  N3    . DG  A 1 23 ? 5.940   1.792   0.208   1.00 28.07  ? 23  DG  A N3    1 
ATOM   485 C  C4    . DG  A 1 23 ? 5.399   2.403   -0.869  1.00 29.55  ? 23  DG  A C4    1 
ATOM   486 P  P     . DT  A 1 24 ? 11.572  3.084   -2.593  1.00 48.90  ? 24  DT  A P     1 
ATOM   487 O  OP1   . DT  A 1 24 ? 12.276  4.189   -3.291  1.00 48.60  ? 24  DT  A OP1   1 
ATOM   488 O  OP2   . DT  A 1 24 ? 11.097  1.904   -3.364  1.00 49.93  ? 24  DT  A OP2   1 
ATOM   489 O  "O5'" . DT  A 1 24 ? 12.492  2.559   -1.405  1.00 51.94  ? 24  DT  A "O5'" 1 
ATOM   490 C  "C5'" . DT  A 1 24 ? 12.821  3.426   -0.303  1.00 54.53  ? 24  DT  A "C5'" 1 
ATOM   491 C  "C4'" . DT  A 1 24 ? 13.280  2.614   0.885   1.00 56.79  ? 24  DT  A "C4'" 1 
ATOM   492 O  "O4'" . DT  A 1 24 ? 12.202  1.790   1.387   1.00 56.24  ? 24  DT  A "O4'" 1 
ATOM   493 C  "C3'" . DT  A 1 24 ? 14.430  1.656   0.585   1.00 57.66  ? 24  DT  A "C3'" 1 
ATOM   494 C  "C2'" . DT  A 1 24 ? 13.747  0.311   0.459   1.00 58.83  ? 24  DT  A "C2'" 1 
ATOM   495 C  "C1'" . DT  A 1 24 ? 12.656  0.449   1.494   1.00 57.81  ? 24  DT  A "C1'" 1 
ATOM   496 N  N1    . DT  A 1 24 ? 11.510  -0.441  1.266   1.00 58.56  ? 24  DT  A N1    1 
ATOM   497 C  C2    . DT  A 1 24 ? 11.460  -1.633  1.956   1.00 59.94  ? 24  DT  A C2    1 
ATOM   498 O  O2    . DT  A 1 24 ? 12.310  -1.975  2.761   1.00 59.87  ? 24  DT  A O2    1 
ATOM   499 N  N3    . DT  A 1 24 ? 10.360  -2.408  1.680   1.00 60.36  ? 24  DT  A N3    1 
ATOM   500 C  C4    . DT  A 1 24 ? 9.337   -2.119  0.795   1.00 60.84  ? 24  DT  A C4    1 
ATOM   501 O  O4    . DT  A 1 24 ? 8.418   -2.917  0.646   1.00 63.31  ? 24  DT  A O4    1 
ATOM   502 C  C5    . DT  A 1 24 ? 9.463   -0.860  0.093   1.00 60.28  ? 24  DT  A C5    1 
ATOM   503 C  C7    . DT  A 1 24 ? 8.407   -0.462  -0.889  1.00 60.32  ? 24  DT  A C7    1 
ATOM   504 C  C6    . DT  A 1 24 ? 10.531  -0.097  0.357   1.00 59.45  ? 24  DT  A C6    1 
HETATM 505 K  K     . K   B 2 .  ? -0.252  1.022   0.574   1.00 20.88  ? 101 K   A K     1 
HETATM 506 K  K     . K   C 2 .  ? -1.448  3.550   2.647   1.00 19.87  ? 102 K   A K     1 
HETATM 507 SR SR    . SR  D 3 .  ? -2.729  6.252   4.873   0.50 31.36  ? 103 SR  A SR    1 
HETATM 508 C  C10   A FTQ E 4 .  ? 4.323   -0.541  -3.857  0.25 65.89  ? 104 FTQ A C10   1 
HETATM 509 C  C13   A FTQ E 4 .  ? 5.090   1.090   -5.164  0.25 65.31  ? 104 FTQ A C13   1 
HETATM 510 C  C11   A FTQ E 4 .  ? 6.770   -0.163  -3.778  0.25 65.40  ? 104 FTQ A C11   1 
HETATM 511 C  C14   A FTQ E 4 .  ? 3.751   1.036   -5.344  0.25 65.66  ? 104 FTQ A C14   1 
HETATM 512 C  C16   A FTQ E 4 .  ? 0.061   -1.791  -5.335  0.25 67.01  ? 104 FTQ A C16   1 
HETATM 513 C  C19   A FTQ E 4 .  ? 0.158   -5.219  -1.927  0.25 62.82  ? 104 FTQ A C19   1 
HETATM 514 C  C20   A FTQ E 4 .  ? -1.222  -5.021  -1.307  0.25 62.87  ? 104 FTQ A C20   1 
HETATM 515 C  C18   A FTQ E 4 .  ? 0.689   -3.888  -2.451  0.25 62.97  ? 104 FTQ A C18   1 
HETATM 516 C  C3    A FTQ E 4 .  ? 0.947   -2.936  -1.270  0.25 62.84  ? 104 FTQ A C3    1 
HETATM 517 N  N2    A FTQ E 4 .  ? 2.152   -3.347  -0.550  0.25 63.98  ? 104 FTQ A N2    1 
HETATM 518 C  C5    A FTQ E 4 .  ? 2.191   -4.404  0.340   0.25 63.21  ? 104 FTQ A C5    1 
HETATM 519 C  C1    A FTQ E 4 .  ? 3.348   -2.770  -0.656  0.25 64.18  ? 104 FTQ A C1    1 
HETATM 520 N  N1    A FTQ E 4 .  ? 4.163   -3.472  0.175   0.25 63.81  ? 104 FTQ A N1    1 
HETATM 521 C  C4    A FTQ E 4 .  ? 3.470   -4.472  0.794   0.25 63.50  ? 104 FTQ A C4    1 
HETATM 522 C  C2    A FTQ E 4 .  ? 5.575   -3.140  0.340   0.25 63.54  ? 104 FTQ A C2    1 
HETATM 523 AU AU    A FTQ E 4 .  ? 3.971   -1.600  -2.182  0.25 66.51  ? 104 FTQ A AU    1 
HETATM 524 N  N6    A FTQ E 4 .  ? 3.280   0.023   -4.539  0.25 65.84  ? 104 FTQ A N6    1 
HETATM 525 C  C12   A FTQ E 4 .  ? 1.887   -0.431  -4.367  0.25 66.42  ? 104 FTQ A C12   1 
HETATM 526 C  C15   A FTQ E 4 .  ? 1.578   -1.670  -5.201  0.25 66.95  ? 104 FTQ A C15   1 
HETATM 527 C  C17   A FTQ E 4 .  ? -0.306  -3.075  -6.075  0.25 67.14  ? 104 FTQ A C17   1 
HETATM 528 N  N5    A FTQ E 4 .  ? 5.421   0.111   -4.243  0.25 65.40  ? 104 FTQ A N5    1 
HETATM 529 C  C10   B FTQ F 4 .  ? 3.239   -4.268  0.412   0.25 57.36  ? 105 FTQ A C10   1 
HETATM 530 C  C13   B FTQ F 4 .  ? 5.419   -4.665  0.665   0.25 57.29  ? 105 FTQ A C13   1 
HETATM 531 C  C11   B FTQ F 4 .  ? 4.724   -3.106  -1.190  0.25 57.18  ? 105 FTQ A C11   1 
HETATM 532 C  C14   B FTQ F 4 .  ? 4.776   -5.376  1.619   0.25 56.84  ? 105 FTQ A C14   1 
HETATM 533 C  C16   B FTQ F 4 .  ? 4.522   -7.478  3.355   0.00 0.50   ? 105 FTQ A C16   1 
HETATM 534 C  C19   B FTQ F 4 .  ? -3.538  -6.688  -2.320  0.00 0.50   ? 105 FTQ A C19   1 
HETATM 535 C  C20   B FTQ F 4 .  ? -4.121  -8.099  -2.334  0.00 0.50   ? 105 FTQ A C20   1 
HETATM 536 C  C18   B FTQ F 4 .  ? -2.202  -6.774  -1.908  0.25 57.68  ? 105 FTQ A C18   1 
HETATM 537 C  C3    B FTQ F 4 .  ? -1.658  -5.683  -0.966  0.25 57.26  ? 105 FTQ A C3    1 
HETATM 538 N  N2    B FTQ F 4 .  ? -1.307  -4.492  -1.740  0.25 56.98  ? 105 FTQ A N2    1 
HETATM 539 C  C5    B FTQ F 4 .  ? -2.183  -3.804  -2.559  0.25 56.05  ? 105 FTQ A C5    1 
HETATM 540 C  C1    B FTQ F 4 .  ? -0.102  -3.930  -1.793  0.25 56.76  ? 105 FTQ A C1    1 
HETATM 541 N  N1    B FTQ F 4 .  ? -0.208  -2.854  -2.624  0.25 55.79  ? 105 FTQ A N1    1 
HETATM 542 C  C4    B FTQ F 4 .  ? -1.479  -2.773  -3.109  0.25 56.09  ? 105 FTQ A C4    1 
HETATM 543 C  C2    B FTQ F 4 .  ? 0.935   -1.977  -2.918  0.25 54.89  ? 105 FTQ A C2    1 
HETATM 544 AU AU    B FTQ F 4 .  ? 1.472   -4.124  -0.546  0.25 58.82  ? 105 FTQ A AU    1 
HETATM 545 N  N6    B FTQ F 4 .  ? 3.430   -5.126  1.462   0.25 57.26  ? 105 FTQ A N6    1 
HETATM 546 C  C12   B FTQ F 4 .  ? 2.788   -5.916  2.415   0.00 0.50   ? 105 FTQ A C12   1 
HETATM 547 C  C15   B FTQ F 4 .  ? 3.278   -7.361  2.509   0.00 0.50   ? 105 FTQ A C15   1 
HETATM 548 C  C17   B FTQ F 4 .  ? 5.320   -8.702  2.928   0.00 0.50   ? 105 FTQ A C17   1 
HETATM 549 N  N5    B FTQ F 4 .  ? 4.454   -3.992  -0.065  0.25 57.45  ? 105 FTQ A N5    1 
HETATM 550 C  C10   C FTQ G 4 .  ? -0.968  -2.131  -3.841  0.25 40.00  ? 106 FTQ A C10   1 
HETATM 551 C  C13   C FTQ G 4 .  ? -0.716  -0.980  -5.735  0.25 39.67  ? 106 FTQ A C13   1 
HETATM 552 C  C11   C FTQ G 4 .  ? -2.956  -2.026  -5.295  0.25 39.61  ? 106 FTQ A C11   1 
HETATM 553 C  C14   C FTQ G 4 .  ? 0.467   -0.925  -5.085  0.25 39.34  ? 106 FTQ A C14   1 
HETATM 554 C  C16   C FTQ G 4 .  ? 3.675   -1.608  -2.158  0.25 37.68  ? 106 FTQ A C16   1 
HETATM 555 C  C19   C FTQ G 4 .  ? 2.888   -5.773  0.309   0.25 39.30  ? 106 FTQ A C19   1 
HETATM 556 C  C20   C FTQ G 4 .  ? 3.955   -5.754  1.404   0.25 38.95  ? 106 FTQ A C20   1 
HETATM 557 C  C18   C FTQ G 4 .  ? 1.585   -5.239  0.888   0.25 39.33  ? 106 FTQ A C18   1 
HETATM 558 C  C3    C FTQ G 4 .  ? 0.690   -4.648  -0.217  0.25 39.93  ? 106 FTQ A C3    1 
HETATM 559 N  N2    C FTQ G 4 .  ? -0.603  -5.337  -0.287  0.25 40.09  ? 106 FTQ A N2    1 
HETATM 560 C  C5    C FTQ G 4 .  ? -1.129  -6.186  0.668   0.25 40.07  ? 106 FTQ A C5    1 
HETATM 561 C  C1    C FTQ G 4 .  ? -1.446  -5.207  -1.302  0.25 40.77  ? 106 FTQ A C1    1 
HETATM 562 N  N1    C FTQ G 4 .  ? -2.528  -5.980  -1.016  0.25 40.39  ? 106 FTQ A N1    1 
HETATM 563 C  C4    C FTQ G 4 .  ? -2.343  -6.590  0.194   0.25 40.02  ? 106 FTQ A C4    1 
HETATM 564 C  C2    C FTQ G 4 .  ? -3.677  -6.101  -1.923  0.25 40.26  ? 106 FTQ A C2    1 
HETATM 565 AU AU    C FTQ G 4 .  ? -1.395  -3.660  -2.597  0.25 42.96  ? 106 FTQ A AU    1 
HETATM 566 N  N6    C FTQ G 4 .  ? 0.309   -1.639  -3.914  0.25 39.61  ? 106 FTQ A N6    1 
HETATM 567 C  C12   C FTQ G 4 .  ? 1.304   -1.889  -2.858  0.25 38.14  ? 106 FTQ A C12   1 
HETATM 568 C  C15   C FTQ G 4 .  ? 2.638   -1.242  -3.219  0.25 37.94  ? 106 FTQ A C15   1 
HETATM 569 C  C17   C FTQ G 4 .  ? 5.016   -0.955  -2.484  0.25 37.02  ? 106 FTQ A C17   1 
HETATM 570 N  N5    C FTQ G 4 .  ? -1.579  -1.730  -4.953  0.25 39.88  ? 106 FTQ A N5    1 
HETATM 571 C  C10   D FTQ H 4 .  ? 2.851   -0.435  -3.778  0.25 41.97  ? 107 FTQ A C10   1 
HETATM 572 C  C13   D FTQ H 4 .  ? 5.064   -0.193  -3.585  0.25 42.10  ? 107 FTQ A C13   1 
HETATM 573 C  C11   D FTQ H 4 .  ? 3.902   1.137   -5.379  0.25 42.23  ? 107 FTQ A C11   1 
HETATM 574 C  C14   D FTQ H 4 .  ? 4.680   -1.080  -2.639  0.25 41.66  ? 107 FTQ A C14   1 
HETATM 575 C  C16   D FTQ H 4 .  ? 4.304   -3.440  -0.999  0.25 41.59  ? 107 FTQ A C16   1 
HETATM 576 C  C19   D FTQ H 4 .  ? -2.378  -4.662  -2.877  0.25 41.05  ? 107 FTQ A C19   1 
HETATM 577 C  C20   D FTQ H 4 .  ? -2.774  -6.132  -2.991  0.25 41.26  ? 107 FTQ A C20   1 
HETATM 578 C  C18   D FTQ H 4 .  ? -2.087  -4.098  -4.264  0.25 41.48  ? 107 FTQ A C18   1 
HETATM 579 C  C3    D FTQ H 4 .  ? -1.793  -2.593  -4.136  0.25 41.47  ? 107 FTQ A C3    1 
HETATM 580 N  N2    D FTQ H 4 .  ? -1.560  -1.991  -5.445  0.25 41.79  ? 107 FTQ A N2    1 
HETATM 581 C  C5    D FTQ H 4 .  ? -2.294  -2.238  -6.586  0.25 41.46  ? 107 FTQ A C5    1 
HETATM 582 C  C1    D FTQ H 4 .  ? -0.616  -1.102  -5.703  0.25 41.92  ? 107 FTQ A C1    1 
HETATM 583 N  N1    D FTQ H 4 .  ? -0.722  -0.779  -7.017  0.25 41.71  ? 107 FTQ A N1    1 
HETATM 584 C  C4    D FTQ H 4 .  ? -1.757  -1.471  -7.574  0.25 41.58  ? 107 FTQ A C4    1 
HETATM 585 C  C2    D FTQ H 4 .  ? 0.189   0.187   -7.647  0.25 41.73  ? 107 FTQ A C2    1 
HETATM 586 AU AU    D FTQ H 4 .  ? 1.070   -0.759  -4.665  0.25 42.78  ? 107 FTQ A AU    1 
HETATM 587 N  N6    D FTQ H 4 .  ? 3.314   -1.229  -2.762  0.25 42.15  ? 107 FTQ A N6    1 
HETATM 588 C  C12   D FTQ H 4 .  ? 2.421   -2.091  -1.964  0.25 41.70  ? 107 FTQ A C12   1 
HETATM 589 C  C15   D FTQ H 4 .  ? 3.128   -2.525  -0.681  0.25 41.54  ? 107 FTQ A C15   1 
HETATM 590 C  C17   D FTQ H 4 .  ? 4.887   -3.986  0.303   0.25 41.96  ? 107 FTQ A C17   1 
HETATM 591 N  N5    D FTQ H 4 .  ? 3.923   0.186   -4.276  0.25 42.38  ? 107 FTQ A N5    1 
HETATM 592 O  O     . HOH I 5 .  ? -0.033  1.071   -10.660 1.00 87.64  ? 201 HOH A O     1 
HETATM 593 O  O     . HOH I 5 .  ? -2.674  6.887   -5.304  1.00 31.43  ? 202 HOH A O     1 
HETATM 594 O  O     . HOH I 5 .  ? 0.294   11.178  -11.995 1.00 47.35  ? 203 HOH A O     1 
HETATM 595 O  O     . HOH I 5 .  ? 10.793  -4.268  8.005   1.00 51.77  ? 204 HOH A O     1 
HETATM 596 O  O     . HOH I 5 .  ? 1.096   -6.660  4.211   1.00 59.07  ? 205 HOH A O     1 
HETATM 597 O  O     . HOH I 5 .  ? -15.404 -3.092  -3.548  1.00 60.89  ? 206 HOH A O     1 
HETATM 598 O  O     . HOH I 5 .  ? -5.986  1.448   -18.958 1.00 77.24  ? 207 HOH A O     1 
HETATM 599 O  O     . HOH I 5 .  ? 18.695  3.666   -4.456  1.00 49.71  ? 208 HOH A O     1 
HETATM 600 O  O     . HOH I 5 .  ? 10.153  13.379  3.048   1.00 64.03  ? 209 HOH A O     1 
HETATM 601 O  O     . HOH I 5 .  ? -11.107 -10.148 -5.205  1.00 47.95  ? 210 HOH A O     1 
HETATM 602 O  O     . HOH I 5 .  ? -15.078 4.761   -1.471  1.00 58.15  ? 211 HOH A O     1 
HETATM 603 O  O     . HOH I 5 .  ? 6.481   -10.849 8.543   1.00 51.73  ? 212 HOH A O     1 
HETATM 604 O  O     . HOH I 5 .  ? -11.660 -7.724  1.672   1.00 57.29  ? 213 HOH A O     1 
HETATM 605 O  O     . HOH I 5 .  ? -8.353  13.167  -6.862  1.00 63.44  ? 214 HOH A O     1 
HETATM 606 O  O     . HOH I 5 .  ? 6.719   -9.890  4.468   1.00 73.26  ? 215 HOH A O     1 
HETATM 607 O  O     . HOH I 5 .  ? 0.864   -8.677  1.654   0.50 220.49 ? 216 HOH A O     1 
HETATM 608 O  O     . HOH I 5 .  ? 0.534   -2.300  17.555  1.00 51.66  ? 217 HOH A O     1 
HETATM 609 O  O     . HOH I 5 .  ? -17.912 -7.386  -7.167  1.00 65.15  ? 218 HOH A O     1 
HETATM 610 O  O     . HOH I 5 .  ? -4.398  -9.853  7.238   1.00 57.63  ? 219 HOH A O     1 
HETATM 611 O  O     . HOH I 5 .  ? 1.181   -2.487  8.294   1.00 31.03  ? 220 HOH A O     1 
HETATM 612 O  O     . HOH I 5 .  ? 5.277   4.659   -5.883  1.00 41.44  ? 221 HOH A O     1 
HETATM 613 O  O     . HOH I 5 .  ? -10.624 -0.190  -7.555  1.00 49.13  ? 222 HOH A O     1 
HETATM 614 O  O     . HOH I 5 .  ? 6.840   5.777   1.710   1.00 27.61  ? 223 HOH A O     1 
HETATM 615 O  O     . HOH I 5 .  ? 5.407   8.624   -8.796  1.00 47.77  ? 224 HOH A O     1 
HETATM 616 O  O     . HOH I 5 .  ? -5.909  -0.269  -6.671  1.00 46.84  ? 225 HOH A O     1 
HETATM 617 O  O     . HOH I 5 .  ? -2.382  -0.113  -10.854 1.00 56.59  ? 226 HOH A O     1 
HETATM 618 O  O     . HOH I 5 .  ? 14.736  4.179   4.523   1.00 53.00  ? 227 HOH A O     1 
HETATM 619 O  O     . HOH I 5 .  ? 0.845   15.475  -5.296  0.50 33.78  ? 228 HOH A O     1 
HETATM 620 O  O     . HOH I 5 .  ? 11.868  6.462   7.232   1.00 56.45  ? 229 HOH A O     1 
HETATM 621 O  O     . HOH I 5 .  ? -1.305  -9.864  12.800  1.00 57.55  ? 230 HOH A O     1 
HETATM 622 O  O     . HOH I 5 .  ? -6.499  9.774   -15.006 1.00 69.33  ? 231 HOH A O     1 
HETATM 623 O  O     . HOH I 5 .  ? -4.228  -7.390  3.367   1.00 44.56  ? 232 HOH A O     1 
HETATM 624 O  O     . HOH I 5 .  ? 1.445   -15.538 7.119   1.00 59.53  ? 233 HOH A O     1 
HETATM 625 O  O     . HOH I 5 .  ? -3.092  -7.819  13.136  1.00 67.89  ? 234 HOH A O     1 
HETATM 626 O  O     . HOH I 5 .  ? 2.189   -12.828 16.265  1.00 60.14  ? 235 HOH A O     1 
HETATM 627 O  O     . HOH I 5 .  ? -4.993  8.017   -4.646  1.00 49.82  ? 236 HOH A O     1 
HETATM 628 O  O     . HOH I 5 .  ? 5.400   11.291  -7.278  1.00 55.95  ? 237 HOH A O     1 
HETATM 629 O  O     . HOH I 5 .  ? 14.464  5.890   7.143   1.00 49.54  ? 238 HOH A O     1 
HETATM 630 O  O     . HOH I 5 .  ? 17.367  8.663   -5.887  1.00 55.45  ? 239 HOH A O     1 
# 
